data_7CT7
#
_entry.id   7CT7
#
_cell.length_a   88.588
_cell.length_b   93.785
_cell.length_c   108.457
_cell.angle_alpha   90.000
_cell.angle_beta   90.000
_cell.angle_gamma   90.000
#
_symmetry.space_group_name_H-M   'P 21 21 21'
#
loop_
_entity.id
_entity.type
_entity.pdbx_description
1 polymer 'Ferrochelatase, mitochondrial'
2 non-polymer 'FE2/S2 (INORGANIC) CLUSTER'
3 non-polymer 2-[[(4-chlorophenyl)amino]methyl]-5-propyl-6H-[1,2,4]triazolo[1,5-a]pyrimidin-7-one
4 water water
#
_entity_poly.entity_id   1
_entity_poly.type   'polypeptide(L)'
_entity_poly.pdbx_seq_one_letter_code
;QPQKRKPKTGILMLNMGGPETLGDVHDFLLRLFLDRDLMTLPIQNKLAPFIAKRLTPKIQEQYRRIGGGSPIKIWTSKQG
EGMVKLLDELSPNTAPHKYYIGFRYVHPLTEEAIEEMERDGLERAIAFTQYPQYSCSTTGSSLNAIYRYYNQVGRKPTMK
WSTIDRWPTHHLLIQCFADHILKELDHFPLEKRSEVVILFSAHSLPMSVVNRGDPYPQEVSATVQKVMERLEYCNPYRLV
WQSKVGPMPWLGPQTDESIKGLCERGRKNILLVPIAFTSDHIETLYELDIEYSQVLAKECGVENIRRAESLNGNPLFSKA
LADLVHSHIQSNELCSKQLTLSCPLCVNPVCRETKSFFTSQQL
;
_entity_poly.pdbx_strand_id   A,B
#
# COMPACT_ATOMS: atom_id res chain seq x y z
N ARG A 5 -37.93 18.08 18.00
CA ARG A 5 -37.59 16.99 18.92
C ARG A 5 -36.11 17.06 19.34
N LYS A 6 -35.82 16.55 20.53
CA LYS A 6 -34.46 16.56 21.05
C LYS A 6 -33.56 15.67 20.19
N PRO A 7 -32.36 16.12 19.84
CA PRO A 7 -31.42 15.25 19.13
C PRO A 7 -30.99 14.09 20.02
N LYS A 8 -30.99 12.88 19.46
CA LYS A 8 -30.65 11.66 20.18
C LYS A 8 -29.24 11.16 19.87
N THR A 9 -28.81 11.24 18.63
CA THR A 9 -27.53 10.68 18.18
C THR A 9 -26.72 11.77 17.50
N GLY A 10 -25.52 12.03 18.01
CA GLY A 10 -24.63 13.01 17.40
C GLY A 10 -23.54 12.35 16.59
N ILE A 11 -23.29 12.87 15.40
CA ILE A 11 -22.22 12.38 14.53
C ILE A 11 -21.19 13.49 14.42
N LEU A 12 -20.06 13.30 15.08
CA LEU A 12 -18.99 14.28 15.09
C LEU A 12 -18.06 14.01 13.91
N MET A 13 -18.10 14.89 12.92
CA MET A 13 -17.27 14.75 11.72
C MET A 13 -15.94 15.45 11.95
N LEU A 14 -14.86 14.68 11.88
CA LEU A 14 -13.54 15.13 12.30
C LEU A 14 -12.68 15.39 11.07
N ASN A 15 -12.07 16.56 11.03
CA ASN A 15 -11.20 16.94 9.93
C ASN A 15 -10.17 17.92 10.48
N MET A 16 -9.03 18.03 9.81
CA MET A 16 -8.06 19.05 10.21
C MET A 16 -8.63 20.45 10.06
N GLY A 17 -9.42 20.67 9.01
CA GLY A 17 -9.97 21.98 8.70
C GLY A 17 -8.97 22.87 7.98
N GLY A 18 -9.46 24.04 7.59
CA GLY A 18 -8.65 25.06 6.96
C GLY A 18 -9.27 26.43 7.19
N PRO A 19 -8.48 27.48 7.02
CA PRO A 19 -8.99 28.84 7.29
C PRO A 19 -10.04 29.25 6.28
N GLU A 20 -11.21 29.72 6.77
CA GLU A 20 -12.30 30.14 5.89
C GLU A 20 -12.03 31.47 5.22
N THR A 21 -11.33 32.36 5.89
CA THR A 21 -11.01 33.68 5.36
C THR A 21 -9.52 33.89 5.57
N LEU A 22 -8.98 34.90 4.87
CA LEU A 22 -7.57 35.21 5.02
C LEU A 22 -7.23 35.58 6.45
N GLY A 23 -8.17 36.19 7.17
CA GLY A 23 -7.92 36.56 8.55
C GLY A 23 -7.79 35.38 9.48
N ASP A 24 -8.31 34.21 9.09
CA ASP A 24 -8.20 33.03 9.93
C ASP A 24 -6.85 32.32 9.80
N VAL A 25 -6.01 32.70 8.83
CA VAL A 25 -4.83 31.89 8.51
C VAL A 25 -3.87 31.82 9.69
N HIS A 26 -3.63 32.96 10.35
CA HIS A 26 -2.62 33.00 11.40
C HIS A 26 -2.94 32.02 12.54
N ASP A 27 -4.16 32.08 13.06
CA ASP A 27 -4.51 31.17 14.14
C ASP A 27 -4.55 29.73 13.66
N PHE A 28 -4.92 29.52 12.40
CA PHE A 28 -4.84 28.17 11.82
C PHE A 28 -3.42 27.63 11.89
N LEU A 29 -2.44 28.44 11.50
CA LEU A 29 -1.04 28.00 11.53
C LEU A 29 -0.55 27.83 12.96
N LEU A 30 -1.00 28.71 13.88
CA LEU A 30 -0.59 28.59 15.28
C LEU A 30 -1.02 27.24 15.86
N ARG A 31 -2.30 26.90 15.75
CA ARG A 31 -2.76 25.60 16.22
C ARG A 31 -2.05 24.46 15.51
N LEU A 32 -1.75 24.63 14.22
CA LEU A 32 -1.09 23.55 13.49
C LEU A 32 0.29 23.27 14.06
N PHE A 33 1.09 24.32 14.27
CA PHE A 33 2.43 24.09 14.77
C PHE A 33 2.49 23.83 16.27
N LEU A 34 1.39 24.07 17.00
CA LEU A 34 1.31 23.67 18.40
C LEU A 34 0.93 22.20 18.57
N ASP A 35 0.57 21.50 17.50
CA ASP A 35 0.05 20.14 17.59
C ASP A 35 1.22 19.17 17.76
N ARG A 36 1.46 18.74 19.01
CA ARG A 36 2.54 17.80 19.29
C ARG A 36 2.26 16.41 18.70
N ASP A 37 1.01 16.08 18.42
CA ASP A 37 0.72 14.79 17.77
C ASP A 37 1.13 14.80 16.31
N LEU A 38 1.15 15.97 15.67
CA LEU A 38 1.50 16.06 14.26
C LEU A 38 2.99 16.26 14.06
N MET A 39 3.66 16.95 14.98
CA MET A 39 5.08 17.22 14.83
C MET A 39 5.64 17.63 16.18
N THR A 40 6.91 17.30 16.39
CA THR A 40 7.64 17.68 17.60
C THR A 40 8.65 18.75 17.25
N LEU A 41 8.65 19.84 18.02
CA LEU A 41 9.56 20.95 17.79
C LEU A 41 10.12 21.41 19.12
N PRO A 42 11.36 21.92 19.14
CA PRO A 42 11.91 22.46 20.38
C PRO A 42 11.15 23.69 20.81
N ILE A 43 10.96 23.81 22.13
CA ILE A 43 10.18 24.87 22.79
C ILE A 43 8.99 25.27 21.91
N GLN A 44 8.11 24.31 21.63
CA GLN A 44 7.01 24.53 20.71
C GLN A 44 6.17 25.73 21.10
N ASN A 45 5.93 25.92 22.40
CA ASN A 45 5.01 26.94 22.86
C ASN A 45 5.48 28.36 22.56
N LYS A 46 6.79 28.56 22.40
CA LYS A 46 7.31 29.85 21.93
C LYS A 46 7.77 29.81 20.49
N LEU A 47 8.11 28.63 19.97
CA LEU A 47 8.55 28.52 18.58
C LEU A 47 7.37 28.62 17.61
N ALA A 48 6.26 27.95 17.91
CA ALA A 48 5.13 27.93 16.99
C ALA A 48 4.59 29.32 16.65
N PRO A 49 4.36 30.23 17.60
CA PRO A 49 3.94 31.57 17.19
C PRO A 49 4.95 32.29 16.32
N PHE A 50 6.24 31.98 16.46
CA PHE A 50 7.24 32.53 15.56
C PHE A 50 7.02 32.00 14.15
N ILE A 51 6.88 30.68 14.01
CA ILE A 51 6.63 30.12 12.69
C ILE A 51 5.31 30.64 12.12
N ALA A 52 4.29 30.75 12.98
CA ALA A 52 2.97 31.13 12.49
C ALA A 52 2.96 32.53 11.90
N LYS A 53 3.54 33.49 12.61
CA LYS A 53 3.57 34.86 12.09
C LYS A 53 4.44 34.96 10.84
N ARG A 54 5.54 34.21 10.80
CA ARG A 54 6.43 34.23 9.64
C ARG A 54 5.75 33.70 8.39
N LEU A 55 5.00 32.60 8.51
CA LEU A 55 4.39 31.96 7.34
C LEU A 55 3.04 32.54 6.95
N THR A 56 2.41 33.36 7.80
CA THR A 56 1.06 33.85 7.50
C THR A 56 0.97 34.55 6.15
N PRO A 57 1.82 35.52 5.79
CA PRO A 57 1.69 36.14 4.46
C PRO A 57 1.74 35.15 3.31
N LYS A 58 2.69 34.21 3.36
CA LYS A 58 2.79 33.22 2.29
C LYS A 58 1.52 32.39 2.18
N ILE A 59 0.96 31.97 3.31
CA ILE A 59 -0.20 31.08 3.27
C ILE A 59 -1.46 31.87 2.94
N GLN A 60 -1.58 33.11 3.42
CA GLN A 60 -2.69 33.96 2.98
C GLN A 60 -2.68 34.12 1.47
N GLU A 61 -1.49 34.23 0.87
CA GLU A 61 -1.40 34.40 -0.57
C GLU A 61 -1.84 33.14 -1.31
N GLN A 62 -1.49 31.95 -0.80
CA GLN A 62 -2.03 30.74 -1.41
C GLN A 62 -3.55 30.73 -1.36
N TYR A 63 -4.13 31.10 -0.21
CA TYR A 63 -5.60 31.08 -0.13
C TYR A 63 -6.22 32.15 -1.00
N ARG A 64 -5.58 33.31 -1.10
CA ARG A 64 -6.06 34.33 -2.03
C ARG A 64 -6.11 33.78 -3.45
N ARG A 65 -5.14 32.93 -3.82
CA ARG A 65 -5.09 32.38 -5.17
C ARG A 65 -6.24 31.43 -5.47
N ILE A 66 -6.91 30.89 -4.45
CA ILE A 66 -8.04 29.99 -4.71
C ILE A 66 -9.37 30.62 -4.28
N GLY A 67 -9.40 31.94 -4.09
CA GLY A 67 -10.67 32.60 -3.85
C GLY A 67 -10.86 33.15 -2.45
N GLY A 68 -9.85 33.05 -1.58
CA GLY A 68 -9.91 33.73 -0.30
C GLY A 68 -10.03 32.84 0.92
N GLY A 69 -10.11 31.53 0.76
CA GLY A 69 -10.24 30.68 1.93
C GLY A 69 -10.54 29.24 1.56
N SER A 70 -10.60 28.42 2.58
CA SER A 70 -10.85 27.00 2.39
C SER A 70 -12.35 26.73 2.27
N PRO A 71 -12.75 25.88 1.34
CA PRO A 71 -14.16 25.47 1.26
C PRO A 71 -14.53 24.27 2.12
N ILE A 72 -13.64 23.81 3.02
CA ILE A 72 -13.88 22.55 3.74
C ILE A 72 -15.17 22.63 4.55
N LYS A 73 -15.39 23.74 5.27
CA LYS A 73 -16.55 23.79 6.14
C LYS A 73 -17.85 23.72 5.33
N ILE A 74 -17.91 24.44 4.20
CA ILE A 74 -19.07 24.35 3.32
C ILE A 74 -19.35 22.92 2.90
N TRP A 75 -18.32 22.23 2.38
CA TRP A 75 -18.55 20.87 1.89
C TRP A 75 -18.88 19.91 3.03
N THR A 76 -18.18 20.03 4.16
CA THR A 76 -18.49 19.18 5.30
C THR A 76 -19.93 19.36 5.74
N SER A 77 -20.42 20.61 5.74
CA SER A 77 -21.80 20.88 6.16
C SER A 77 -22.81 20.27 5.20
N LYS A 78 -22.59 20.43 3.89
CA LYS A 78 -23.53 19.84 2.95
C LYS A 78 -23.53 18.33 3.08
N GLN A 79 -22.34 17.72 3.21
CA GLN A 79 -22.25 16.27 3.38
C GLN A 79 -22.93 15.83 4.66
N GLY A 80 -22.75 16.59 5.74
CA GLY A 80 -23.38 16.22 7.00
C GLY A 80 -24.90 16.31 6.95
N GLU A 81 -25.42 17.38 6.34
CA GLU A 81 -26.87 17.53 6.22
C GLU A 81 -27.49 16.38 5.44
N GLY A 82 -26.86 16.01 4.31
CA GLY A 82 -27.38 14.90 3.54
C GLY A 82 -27.32 13.59 4.30
N MET A 83 -26.23 13.38 5.06
CA MET A 83 -26.10 12.18 5.88
C MET A 83 -27.21 12.09 6.91
N VAL A 84 -27.47 13.19 7.62
CA VAL A 84 -28.51 13.24 8.64
C VAL A 84 -29.87 12.94 8.06
N LYS A 85 -30.18 13.52 6.88
CA LYS A 85 -31.49 13.30 6.28
C LYS A 85 -31.72 11.84 5.98
N LEU A 86 -30.69 11.15 5.47
CA LEU A 86 -30.81 9.72 5.22
C LEU A 86 -30.91 8.93 6.52
N LEU A 87 -30.06 9.28 7.50
CA LEU A 87 -30.01 8.50 8.74
C LEU A 87 -31.35 8.53 9.47
N ASP A 88 -32.01 9.69 9.49
CA ASP A 88 -33.32 9.78 10.12
C ASP A 88 -34.31 8.81 9.49
N GLU A 89 -34.14 8.47 8.22
CA GLU A 89 -35.02 7.49 7.60
C GLU A 89 -34.45 6.07 7.66
N LEU A 90 -33.12 5.93 7.57
CA LEU A 90 -32.49 4.62 7.69
C LEU A 90 -32.68 4.01 9.08
N SER A 91 -32.61 4.83 10.12
CA SER A 91 -32.49 4.34 11.50
C SER A 91 -33.35 5.17 12.44
N PRO A 92 -34.68 5.02 12.38
CA PRO A 92 -35.56 5.82 13.25
C PRO A 92 -35.37 5.57 14.74
N ASN A 93 -34.86 4.41 15.15
CA ASN A 93 -34.66 4.15 16.57
C ASN A 93 -33.52 4.97 17.17
N THR A 94 -32.68 5.58 16.35
CA THR A 94 -31.61 6.43 16.82
C THR A 94 -31.82 7.87 16.41
N ALA A 95 -32.95 8.17 15.77
CA ALA A 95 -33.30 9.49 15.33
C ALA A 95 -33.88 10.28 16.50
N PRO A 96 -33.80 11.63 16.48
CA PRO A 96 -33.17 12.48 15.46
C PRO A 96 -31.65 12.40 15.49
N HIS A 97 -31.03 12.47 14.32
CA HIS A 97 -29.57 12.52 14.22
C HIS A 97 -29.15 13.97 14.01
N LYS A 98 -27.99 14.32 14.52
CA LYS A 98 -27.45 15.66 14.33
C LYS A 98 -25.97 15.56 14.03
N TYR A 99 -25.49 16.30 13.03
CA TYR A 99 -24.06 16.26 12.76
C TYR A 99 -23.40 17.45 13.44
N TYR A 100 -22.14 17.25 13.81
CA TYR A 100 -21.32 18.30 14.39
C TYR A 100 -19.98 18.27 13.68
N ILE A 101 -19.40 19.44 13.50
CA ILE A 101 -18.11 19.55 12.83
C ILE A 101 -17.05 19.78 13.89
N GLY A 102 -16.03 18.95 13.89
CA GLY A 102 -14.95 19.10 14.85
C GLY A 102 -13.64 19.24 14.11
N PHE A 103 -13.18 20.49 13.93
CA PHE A 103 -11.95 20.73 13.21
C PHE A 103 -10.78 20.74 14.17
N ARG A 104 -9.63 20.33 13.67
CA ARG A 104 -8.46 20.27 14.52
C ARG A 104 -7.85 21.66 14.75
N TYR A 105 -7.79 22.49 13.71
CA TYR A 105 -7.00 23.71 13.74
C TYR A 105 -7.76 25.00 13.47
N VAL A 106 -9.09 24.94 13.28
CA VAL A 106 -9.92 26.12 13.08
C VAL A 106 -11.26 25.90 13.76
N HIS A 107 -12.03 26.99 13.92
CA HIS A 107 -13.36 26.87 14.50
C HIS A 107 -14.35 26.32 13.49
N PRO A 108 -15.30 25.49 13.91
CA PRO A 108 -15.43 25.03 15.29
C PRO A 108 -14.43 23.94 15.62
N LEU A 109 -13.73 24.09 16.75
CA LEU A 109 -12.73 23.13 17.17
C LEU A 109 -13.39 21.86 17.71
N THR A 110 -12.66 20.74 17.65
CA THR A 110 -13.16 19.50 18.24
C THR A 110 -13.69 19.74 19.65
N GLU A 111 -12.96 20.51 20.46
CA GLU A 111 -13.36 20.76 21.84
C GLU A 111 -14.68 21.52 21.91
N GLU A 112 -14.90 22.48 21.02
CA GLU A 112 -16.16 23.21 21.00
C GLU A 112 -17.30 22.31 20.57
N ALA A 113 -17.09 21.45 19.57
CA ALA A 113 -18.15 20.54 19.19
C ALA A 113 -18.54 19.62 20.34
N ILE A 114 -17.56 19.08 21.06
CA ILE A 114 -17.88 18.17 22.16
C ILE A 114 -18.74 18.90 23.20
N GLU A 115 -18.38 20.16 23.51
CA GLU A 115 -19.18 20.93 24.45
C GLU A 115 -20.62 21.02 24.00
N GLU A 116 -20.84 21.33 22.72
CA GLU A 116 -22.20 21.47 22.20
C GLU A 116 -22.96 20.15 22.25
N MET A 117 -22.32 19.06 21.80
CA MET A 117 -22.96 17.75 21.88
C MET A 117 -23.40 17.44 23.29
N GLU A 118 -22.53 17.68 24.28
CA GLU A 118 -22.90 17.43 25.67
C GLU A 118 -24.08 18.32 26.08
N ARG A 119 -24.02 19.62 25.73
CA ARG A 119 -25.11 20.54 26.04
C ARG A 119 -26.43 20.07 25.43
N ASP A 120 -26.37 19.48 24.23
CA ASP A 120 -27.58 19.00 23.58
C ASP A 120 -28.14 17.74 24.25
N GLY A 121 -27.44 17.15 25.21
CA GLY A 121 -27.95 15.98 25.91
C GLY A 121 -28.13 14.74 25.03
N LEU A 122 -27.21 14.49 24.10
CA LEU A 122 -27.34 13.31 23.27
C LEU A 122 -27.21 12.05 24.10
N GLU A 123 -27.89 10.99 23.65
CA GLU A 123 -27.65 9.67 24.21
C GLU A 123 -26.40 9.02 23.61
N ARG A 124 -26.09 9.31 22.35
CA ARG A 124 -25.04 8.58 21.63
C ARG A 124 -24.19 9.56 20.83
N ALA A 125 -22.87 9.36 20.90
CA ALA A 125 -21.91 10.20 20.20
C ALA A 125 -20.99 9.32 19.38
N ILE A 126 -20.79 9.67 18.12
CA ILE A 126 -19.97 8.89 17.18
C ILE A 126 -18.88 9.78 16.62
N ALA A 127 -17.63 9.47 16.97
CA ALA A 127 -16.47 10.13 16.38
C ALA A 127 -16.25 9.56 14.98
N PHE A 128 -16.64 10.32 13.96
CA PHE A 128 -16.62 9.86 12.58
C PHE A 128 -15.53 10.63 11.85
N THR A 129 -14.34 10.07 11.79
CA THR A 129 -13.28 10.71 11.02
C THR A 129 -13.67 10.83 9.55
N GLN A 130 -13.29 11.96 8.97
CA GLN A 130 -13.55 12.16 7.56
C GLN A 130 -12.35 11.78 6.71
N TYR A 131 -11.31 11.22 7.32
CA TYR A 131 -10.20 10.60 6.60
C TYR A 131 -10.53 9.13 6.41
N PRO A 132 -10.74 8.66 5.18
CA PRO A 132 -11.02 7.23 4.99
C PRO A 132 -9.86 6.35 5.41
N GLN A 133 -8.62 6.82 5.26
CA GLN A 133 -7.45 6.04 5.59
C GLN A 133 -6.80 6.60 6.86
N TYR A 134 -6.51 5.71 7.81
CA TYR A 134 -6.08 6.15 9.13
C TYR A 134 -4.60 6.52 9.13
N SER A 135 -4.29 7.69 9.65
CA SER A 135 -2.93 8.01 10.07
C SER A 135 -2.98 8.49 11.51
N CYS A 136 -1.91 8.22 12.27
CA CYS A 136 -1.82 8.85 13.58
C CYS A 136 -1.75 10.37 13.49
N SER A 137 -1.35 10.91 12.35
CA SER A 137 -1.24 12.36 12.20
CA SER A 137 -1.25 12.36 12.24
C SER A 137 -2.58 13.02 11.90
N THR A 138 -3.58 12.24 11.48
CA THR A 138 -4.88 12.82 11.12
C THR A 138 -5.94 12.29 12.08
N THR A 139 -6.52 11.12 11.77
CA THR A 139 -7.53 10.54 12.64
C THR A 139 -7.01 10.36 14.07
N GLY A 140 -5.78 9.85 14.22
CA GLY A 140 -5.27 9.61 15.57
C GLY A 140 -5.25 10.87 16.41
N SER A 141 -4.72 11.97 15.87
CA SER A 141 -4.67 13.21 16.63
C SER A 141 -6.06 13.77 16.94
N SER A 142 -7.00 13.62 16.00
CA SER A 142 -8.39 14.03 16.28
C SER A 142 -8.99 13.20 17.42
N LEU A 143 -8.78 11.88 17.38
CA LEU A 143 -9.32 11.04 18.45
C LEU A 143 -8.65 11.35 19.79
N ASN A 144 -7.34 11.59 19.77
CA ASN A 144 -6.65 12.02 20.99
C ASN A 144 -7.31 13.26 21.59
N ALA A 145 -7.71 14.22 20.74
CA ALA A 145 -8.31 15.46 21.26
C ALA A 145 -9.61 15.17 22.03
N ILE A 146 -10.37 14.17 21.60
CA ILE A 146 -11.57 13.79 22.34
C ILE A 146 -11.20 13.24 23.71
N TYR A 147 -10.23 12.34 23.76
CA TYR A 147 -9.81 11.79 25.04
C TYR A 147 -9.25 12.88 25.94
N ARG A 148 -8.41 13.75 25.38
CA ARG A 148 -7.80 14.83 26.17
C ARG A 148 -8.83 15.82 26.69
N TYR A 149 -9.90 16.05 25.93
CA TYR A 149 -10.93 16.97 26.37
C TYR A 149 -11.52 16.52 27.70
N TYR A 150 -11.91 15.25 27.77
CA TYR A 150 -12.48 14.74 29.01
C TYR A 150 -11.44 14.63 30.10
N ASN A 151 -10.18 14.37 29.72
CA ASN A 151 -9.13 14.29 30.71
C ASN A 151 -8.81 15.65 31.30
N GLN A 152 -8.69 16.68 30.46
CA GLN A 152 -8.40 18.01 30.97
C GLN A 152 -9.58 18.57 31.76
N VAL A 153 -10.79 18.55 31.17
CA VAL A 153 -11.97 19.07 31.85
C VAL A 153 -12.20 18.38 33.19
N GLY A 154 -11.65 17.18 33.37
CA GLY A 154 -11.74 16.45 34.62
C GLY A 154 -13.01 15.65 34.81
N ARG A 155 -14.00 15.81 33.94
CA ARG A 155 -15.27 15.13 34.06
C ARG A 155 -15.31 13.92 33.13
N LYS A 156 -16.39 13.16 33.24
CA LYS A 156 -16.63 12.01 32.40
C LYS A 156 -17.75 12.32 31.40
N PRO A 157 -17.79 11.62 30.26
CA PRO A 157 -18.81 11.94 29.25
C PRO A 157 -20.20 11.60 29.75
N THR A 158 -21.17 12.40 29.33
CA THR A 158 -22.58 12.15 29.60
C THR A 158 -23.26 11.45 28.42
N MET A 159 -22.49 11.01 27.43
CA MET A 159 -23.00 10.32 26.27
C MET A 159 -22.13 9.10 26.00
N LYS A 160 -22.71 8.10 25.37
CA LYS A 160 -21.98 6.89 25.03
C LYS A 160 -21.22 7.11 23.72
N TRP A 161 -19.90 6.90 23.76
CA TRP A 161 -19.02 7.22 22.64
C TRP A 161 -18.63 5.96 21.88
N SER A 162 -18.38 6.14 20.60
CA SER A 162 -17.80 5.11 19.75
C SER A 162 -17.14 5.84 18.58
N THR A 163 -16.33 5.13 17.82
CA THR A 163 -15.71 5.81 16.67
C THR A 163 -15.79 4.94 15.42
N ILE A 164 -16.03 5.60 14.30
CA ILE A 164 -15.73 5.07 12.98
C ILE A 164 -14.37 5.66 12.64
N ASP A 165 -13.30 4.90 12.89
CA ASP A 165 -11.94 5.43 12.85
C ASP A 165 -11.25 5.25 11.50
N ARG A 166 -11.82 4.48 10.59
CA ARG A 166 -11.29 4.37 9.24
C ARG A 166 -12.34 3.68 8.38
N TRP A 167 -12.20 3.85 7.06
CA TRP A 167 -13.11 3.26 6.10
C TRP A 167 -12.49 3.28 4.71
N PRO A 168 -11.29 2.76 4.53
CA PRO A 168 -10.57 2.99 3.26
C PRO A 168 -11.17 2.24 2.07
N THR A 169 -12.00 1.23 2.29
CA THR A 169 -12.52 0.43 1.19
C THR A 169 -14.04 0.39 1.15
N HIS A 170 -14.75 1.28 1.85
CA HIS A 170 -16.20 1.26 1.80
C HIS A 170 -16.69 1.29 0.35
N HIS A 171 -17.62 0.40 0.02
CA HIS A 171 -17.96 0.18 -1.38
C HIS A 171 -18.55 1.43 -2.02
N LEU A 172 -19.24 2.27 -1.25
CA LEU A 172 -19.79 3.48 -1.86
C LEU A 172 -18.75 4.58 -2.00
N LEU A 173 -17.78 4.66 -1.09
CA LEU A 173 -16.63 5.53 -1.33
C LEU A 173 -15.90 5.16 -2.62
N ILE A 174 -15.67 3.85 -2.81
CA ILE A 174 -14.98 3.40 -4.03
C ILE A 174 -15.79 3.78 -5.27
N GLN A 175 -17.10 3.56 -5.22
CA GLN A 175 -17.95 3.89 -6.36
C GLN A 175 -17.87 5.38 -6.69
N CYS A 176 -17.82 6.24 -5.67
CA CYS A 176 -17.74 7.67 -5.90
C CYS A 176 -16.46 8.04 -6.65
N PHE A 177 -15.33 7.50 -6.20
CA PHE A 177 -14.07 7.77 -6.90
C PHE A 177 -14.12 7.24 -8.32
N ALA A 178 -14.58 6.00 -8.49
CA ALA A 178 -14.66 5.43 -9.83
C ALA A 178 -15.55 6.27 -10.74
N ASP A 179 -16.70 6.73 -10.23
CA ASP A 179 -17.59 7.56 -11.03
C ASP A 179 -16.89 8.85 -11.46
N HIS A 180 -16.20 9.50 -10.52
CA HIS A 180 -15.57 10.77 -10.88
C HIS A 180 -14.42 10.58 -11.86
N ILE A 181 -13.70 9.46 -11.74
CA ILE A 181 -12.62 9.16 -12.68
C ILE A 181 -13.19 8.96 -14.07
N LEU A 182 -14.25 8.16 -14.19
CA LEU A 182 -14.85 7.89 -15.49
C LEU A 182 -15.37 9.18 -16.13
N LYS A 183 -16.07 10.00 -15.34
CA LYS A 183 -16.55 11.28 -15.83
C LYS A 183 -15.40 12.13 -16.37
N GLU A 184 -14.27 12.16 -15.66
CA GLU A 184 -13.15 12.96 -16.12
C GLU A 184 -12.44 12.32 -17.31
N LEU A 185 -12.34 10.99 -17.34
CA LEU A 185 -11.80 10.34 -18.53
C LEU A 185 -12.56 10.75 -19.78
N ASP A 186 -13.88 10.97 -19.67
CA ASP A 186 -14.66 11.40 -20.84
C ASP A 186 -14.27 12.77 -21.35
N HIS A 187 -13.63 13.60 -20.53
CA HIS A 187 -13.26 14.95 -20.92
C HIS A 187 -11.90 15.02 -21.61
N PHE A 188 -11.16 13.92 -21.65
CA PHE A 188 -10.01 13.86 -22.54
C PHE A 188 -10.48 13.69 -23.98
N PRO A 189 -9.68 14.14 -24.95
CA PRO A 189 -9.94 13.75 -26.34
C PRO A 189 -10.08 12.24 -26.45
N LEU A 190 -11.03 11.81 -27.28
CA LEU A 190 -11.31 10.38 -27.40
C LEU A 190 -10.06 9.60 -27.86
N GLU A 191 -9.26 10.20 -28.74
CA GLU A 191 -8.10 9.48 -29.26
C GLU A 191 -7.00 9.31 -28.22
N LYS A 192 -7.10 9.98 -27.07
CA LYS A 192 -6.10 9.91 -26.02
C LYS A 192 -6.60 9.19 -24.76
N ARG A 193 -7.89 8.84 -24.70
CA ARG A 193 -8.44 8.24 -23.49
C ARG A 193 -7.62 7.03 -23.03
N SER A 194 -7.32 6.12 -23.96
CA SER A 194 -6.59 4.90 -23.60
C SER A 194 -5.19 5.21 -23.11
N GLU A 195 -4.63 6.33 -23.54
CA GLU A 195 -3.26 6.72 -23.25
C GLU A 195 -3.12 7.39 -21.89
N VAL A 196 -4.23 7.73 -21.24
CA VAL A 196 -4.20 8.51 -20.01
C VAL A 196 -3.62 7.67 -18.88
N VAL A 197 -2.67 8.24 -18.14
CA VAL A 197 -2.14 7.65 -16.92
C VAL A 197 -2.88 8.24 -15.73
N ILE A 198 -3.36 7.39 -14.83
CA ILE A 198 -4.07 7.83 -13.63
C ILE A 198 -3.06 7.95 -12.49
N LEU A 199 -2.82 9.17 -12.03
CA LEU A 199 -1.97 9.38 -10.87
C LEU A 199 -2.87 9.55 -9.65
N PHE A 200 -2.92 8.53 -8.82
CA PHE A 200 -3.53 8.70 -7.51
C PHE A 200 -2.56 9.48 -6.64
N SER A 201 -2.97 10.65 -6.18
CA SER A 201 -2.12 11.55 -5.40
C SER A 201 -2.69 11.66 -3.99
N ALA A 202 -1.93 11.18 -3.02
CA ALA A 202 -2.33 11.21 -1.62
C ALA A 202 -1.35 12.08 -0.86
N HIS A 203 -1.83 12.69 0.21
CA HIS A 203 -0.95 13.47 1.06
C HIS A 203 0.18 12.60 1.56
N SER A 204 1.41 13.11 1.51
CA SER A 204 2.54 12.30 1.94
C SER A 204 2.62 12.22 3.47
N LEU A 205 3.57 11.46 3.97
CA LEU A 205 3.91 11.47 5.39
C LEU A 205 5.42 11.54 5.53
N PRO A 206 5.93 12.16 6.58
CA PRO A 206 7.37 12.05 6.89
C PRO A 206 7.73 10.59 7.10
N MET A 207 8.93 10.21 6.63
CA MET A 207 9.38 8.83 6.78
C MET A 207 9.47 8.44 8.26
N SER A 208 9.73 9.40 9.15
CA SER A 208 9.77 9.09 10.58
C SER A 208 8.43 8.58 11.08
N VAL A 209 7.33 9.03 10.46
CA VAL A 209 6.02 8.53 10.83
C VAL A 209 5.74 7.20 10.14
N VAL A 210 6.05 7.11 8.85
CA VAL A 210 5.92 5.83 8.13
C VAL A 210 6.68 4.72 8.84
N ASN A 211 7.94 4.98 9.20
CA ASN A 211 8.82 3.98 9.80
C ASN A 211 8.41 3.62 11.22
N ARG A 212 7.48 4.35 11.82
CA ARG A 212 6.89 4.01 13.12
C ARG A 212 5.83 2.93 13.00
N GLY A 213 5.39 2.60 11.79
CA GLY A 213 4.30 1.67 11.60
C GLY A 213 2.96 2.33 11.34
N ASP A 214 2.95 3.55 10.85
CA ASP A 214 1.68 4.22 10.60
C ASP A 214 0.89 3.45 9.54
N PRO A 215 -0.40 3.21 9.75
CA PRO A 215 -1.16 2.38 8.80
C PRO A 215 -1.57 3.10 7.53
N TYR A 216 -1.34 4.40 7.44
CA TYR A 216 -1.88 5.20 6.34
C TYR A 216 -1.46 4.68 4.96
N PRO A 217 -0.17 4.53 4.63
CA PRO A 217 0.16 4.16 3.23
C PRO A 217 -0.46 2.86 2.78
N GLN A 218 -0.52 1.85 3.66
CA GLN A 218 -1.16 0.59 3.31
C GLN A 218 -2.64 0.77 3.08
N GLU A 219 -3.30 1.64 3.86
CA GLU A 219 -4.73 1.80 3.67
C GLU A 219 -5.01 2.60 2.39
N VAL A 220 -4.22 3.65 2.13
CA VAL A 220 -4.37 4.39 0.88
C VAL A 220 -4.18 3.45 -0.31
N SER A 221 -3.18 2.57 -0.22
CA SER A 221 -2.96 1.61 -1.29
C SER A 221 -4.17 0.73 -1.50
N ALA A 222 -4.86 0.37 -0.41
CA ALA A 222 -6.04 -0.47 -0.53
C ALA A 222 -7.18 0.28 -1.22
N THR A 223 -7.34 1.58 -0.94
CA THR A 223 -8.35 2.36 -1.66
C THR A 223 -8.03 2.36 -3.15
N VAL A 224 -6.78 2.59 -3.49
CA VAL A 224 -6.39 2.62 -4.91
C VAL A 224 -6.72 1.29 -5.58
N GLN A 225 -6.39 0.19 -4.93
CA GLN A 225 -6.63 -1.11 -5.57
C GLN A 225 -8.10 -1.33 -5.83
N LYS A 226 -8.97 -0.99 -4.87
CA LYS A 226 -10.39 -1.22 -5.05
C LYS A 226 -10.99 -0.33 -6.13
N VAL A 227 -10.54 0.93 -6.23
CA VAL A 227 -10.97 1.80 -7.33
C VAL A 227 -10.59 1.17 -8.67
N MET A 228 -9.31 0.81 -8.82
CA MET A 228 -8.86 0.26 -10.10
C MET A 228 -9.54 -1.07 -10.42
N GLU A 229 -9.87 -1.87 -9.41
CA GLU A 229 -10.66 -3.07 -9.63
C GLU A 229 -12.02 -2.73 -10.19
N ARG A 230 -12.67 -1.72 -9.60
CA ARG A 230 -13.97 -1.33 -10.11
C ARG A 230 -13.86 -0.78 -11.54
N LEU A 231 -12.75 -0.13 -11.87
CA LEU A 231 -12.53 0.42 -13.20
C LEU A 231 -12.03 -0.62 -14.19
N GLU A 232 -11.85 -1.86 -13.74
CA GLU A 232 -11.38 -2.97 -14.59
C GLU A 232 -10.01 -2.69 -15.20
N TYR A 233 -9.17 -1.99 -14.45
CA TYR A 233 -7.80 -1.68 -14.85
C TYR A 233 -7.78 -1.09 -16.25
N CYS A 234 -8.70 -0.14 -16.49
CA CYS A 234 -8.88 0.43 -17.82
C CYS A 234 -7.70 1.30 -18.25
N ASN A 235 -6.92 1.81 -17.30
CA ASN A 235 -5.77 2.65 -17.60
C ASN A 235 -4.64 2.31 -16.66
N PRO A 236 -3.39 2.53 -17.05
CA PRO A 236 -2.29 2.34 -16.11
C PRO A 236 -2.38 3.36 -14.98
N TYR A 237 -1.82 3.02 -13.83
CA TYR A 237 -1.92 3.97 -12.73
C TYR A 237 -0.68 3.89 -11.87
N ARG A 238 -0.46 4.94 -11.09
CA ARG A 238 0.56 4.91 -10.03
C ARG A 238 -0.01 5.65 -8.83
N LEU A 239 0.44 5.26 -7.65
CA LEU A 239 0.12 5.98 -6.42
C LEU A 239 1.32 6.84 -6.04
N VAL A 240 1.13 8.15 -5.97
CA VAL A 240 2.20 9.09 -5.65
C VAL A 240 1.72 10.01 -4.53
N TRP A 241 2.66 10.81 -4.00
CA TRP A 241 2.47 11.49 -2.71
C TRP A 241 2.80 12.97 -2.80
N GLN A 242 1.91 13.80 -2.28
CA GLN A 242 2.00 15.25 -2.41
C GLN A 242 2.16 15.90 -1.04
N SER A 243 2.37 17.23 -1.07
CA SER A 243 2.22 18.11 0.09
C SER A 243 3.33 17.97 1.13
N LYS A 244 4.46 17.36 0.76
CA LYS A 244 5.61 17.36 1.65
C LYS A 244 6.01 18.78 2.00
N VAL A 245 6.43 18.99 3.25
CA VAL A 245 6.97 20.27 3.71
C VAL A 245 8.21 20.01 4.56
N GLY A 246 9.17 20.93 4.47
CA GLY A 246 10.35 20.85 5.30
C GLY A 246 11.48 20.05 4.65
N PRO A 247 12.59 19.87 5.39
CA PRO A 247 13.78 19.25 4.80
C PRO A 247 13.96 17.76 5.10
N MET A 248 13.10 17.18 5.92
CA MET A 248 13.25 15.78 6.31
C MET A 248 12.77 14.85 5.20
N PRO A 249 13.18 13.57 5.22
CA PRO A 249 12.66 12.63 4.23
C PRO A 249 11.17 12.38 4.41
N TRP A 250 10.44 12.38 3.31
CA TRP A 250 9.03 12.02 3.25
C TRP A 250 8.86 10.84 2.29
N LEU A 251 7.69 10.22 2.36
CA LEU A 251 7.39 9.12 1.46
C LEU A 251 7.17 9.66 0.05
N GLY A 252 7.86 9.06 -0.92
CA GLY A 252 7.72 9.42 -2.31
C GLY A 252 7.25 8.25 -3.15
N PRO A 253 7.26 8.39 -4.49
CA PRO A 253 7.71 9.56 -5.25
C PRO A 253 6.77 10.73 -5.06
N GLN A 254 7.28 11.95 -5.23
CA GLN A 254 6.44 13.13 -5.12
C GLN A 254 5.57 13.28 -6.36
N THR A 255 4.38 13.82 -6.15
CA THR A 255 3.45 14.03 -7.25
C THR A 255 4.06 14.94 -8.32
N ASP A 256 4.74 16.01 -7.89
CA ASP A 256 5.27 16.97 -8.85
C ASP A 256 6.37 16.34 -9.69
N GLU A 257 7.33 15.67 -9.03
CA GLU A 257 8.37 14.96 -9.76
C GLU A 257 7.78 13.88 -10.67
N SER A 258 6.71 13.22 -10.21
CA SER A 258 6.12 12.16 -11.03
C SER A 258 5.45 12.72 -12.28
N ILE A 259 4.76 13.86 -12.16
CA ILE A 259 4.20 14.54 -13.33
C ILE A 259 5.32 14.92 -14.30
N LYS A 260 6.35 15.58 -13.79
CA LYS A 260 7.48 15.96 -14.64
C LYS A 260 8.14 14.74 -15.26
N GLY A 261 8.33 13.68 -14.48
CA GLY A 261 8.97 12.49 -15.03
C GLY A 261 8.18 11.84 -16.14
N LEU A 262 6.87 11.71 -15.96
CA LEU A 262 6.01 11.17 -17.01
C LEU A 262 6.12 12.01 -18.28
N CYS A 263 6.04 13.33 -18.15
CA CYS A 263 6.08 14.20 -19.32
C CYS A 263 7.35 13.99 -20.12
N GLU A 264 8.49 13.96 -19.44
CA GLU A 264 9.76 13.81 -20.12
C GLU A 264 9.93 12.42 -20.73
N ARG A 265 9.12 11.45 -20.33
CA ARG A 265 9.18 10.11 -20.89
C ARG A 265 8.04 9.84 -21.86
N GLY A 266 7.36 10.87 -22.32
CA GLY A 266 6.38 10.74 -23.38
C GLY A 266 4.95 10.52 -22.93
N ARG A 267 4.69 10.41 -21.63
CA ARG A 267 3.32 10.24 -21.13
C ARG A 267 2.76 11.62 -20.80
N LYS A 268 2.09 12.22 -21.78
CA LYS A 268 1.66 13.62 -21.67
C LYS A 268 0.17 13.75 -21.41
N ASN A 269 -0.52 12.66 -21.10
CA ASN A 269 -1.95 12.69 -20.83
C ASN A 269 -2.17 12.04 -19.47
N ILE A 270 -2.51 12.86 -18.47
CA ILE A 270 -2.43 12.50 -17.06
C ILE A 270 -3.74 12.87 -16.37
N LEU A 271 -4.26 11.95 -15.57
CA LEU A 271 -5.44 12.21 -14.74
C LEU A 271 -5.04 12.16 -13.27
N LEU A 272 -5.19 13.29 -12.56
CA LEU A 272 -4.89 13.34 -11.13
C LEU A 272 -6.11 12.92 -10.32
N VAL A 273 -5.90 12.10 -9.28
CA VAL A 273 -7.01 11.70 -8.44
C VAL A 273 -6.67 11.96 -6.97
N PRO A 274 -7.37 12.86 -6.31
CA PRO A 274 -7.12 13.08 -4.88
C PRO A 274 -7.73 11.98 -4.01
N ILE A 275 -6.97 10.92 -3.78
CA ILE A 275 -7.54 9.67 -3.25
C ILE A 275 -7.68 9.66 -1.74
N ALA A 276 -7.10 10.61 -1.03
CA ALA A 276 -7.15 10.59 0.42
C ALA A 276 -7.96 11.75 0.98
N PHE A 277 -8.61 12.52 0.12
CA PHE A 277 -9.46 13.65 0.50
C PHE A 277 -10.91 13.38 0.10
N THR A 278 -11.85 13.97 0.83
CA THR A 278 -13.26 13.87 0.49
C THR A 278 -13.85 15.16 -0.07
N SER A 279 -13.09 16.25 -0.08
CA SER A 279 -13.57 17.52 -0.63
C SER A 279 -12.38 18.36 -1.06
N ASP A 280 -12.68 19.47 -1.72
CA ASP A 280 -11.62 20.37 -2.13
C ASP A 280 -11.05 21.10 -0.92
N HIS A 281 -9.79 21.45 -1.02
CA HIS A 281 -9.14 22.37 -0.09
C HIS A 281 -7.84 22.78 -0.75
N ILE A 282 -6.96 23.41 0.04
CA ILE A 282 -5.78 24.05 -0.54
C ILE A 282 -4.95 23.02 -1.33
N GLU A 283 -4.91 21.79 -0.86
CA GLU A 283 -4.05 20.78 -1.49
C GLU A 283 -4.55 20.40 -2.88
N THR A 284 -5.85 20.57 -3.17
CA THR A 284 -6.37 20.30 -4.50
C THR A 284 -6.49 21.57 -5.33
N LEU A 285 -7.15 22.59 -4.77
CA LEU A 285 -7.41 23.83 -5.50
C LEU A 285 -6.13 24.62 -5.77
N TYR A 286 -5.14 24.58 -4.89
CA TYR A 286 -3.89 25.31 -5.13
C TYR A 286 -2.76 24.40 -5.60
N GLU A 287 -2.40 23.40 -4.78
CA GLU A 287 -1.23 22.59 -5.10
C GLU A 287 -1.43 21.82 -6.42
N LEU A 288 -2.50 21.02 -6.50
CA LEU A 288 -2.73 20.24 -7.72
C LEU A 288 -3.14 21.12 -8.89
N ASP A 289 -4.16 21.98 -8.70
CA ASP A 289 -4.75 22.67 -9.84
C ASP A 289 -3.92 23.84 -10.34
N ILE A 290 -3.20 24.53 -9.46
CA ILE A 290 -2.42 25.69 -9.89
C ILE A 290 -0.94 25.33 -9.98
N GLU A 291 -0.34 24.89 -8.86
CA GLU A 291 1.10 24.62 -8.87
C GLU A 291 1.49 23.55 -9.88
N TYR A 292 0.74 22.44 -9.92
CA TYR A 292 1.13 21.31 -10.79
C TYR A 292 0.45 21.33 -12.15
N SER A 293 -0.87 21.54 -12.20
CA SER A 293 -1.58 21.41 -13.47
C SER A 293 -1.44 22.62 -14.39
N GLN A 294 -1.24 23.82 -13.84
CA GLN A 294 -1.09 25.01 -14.68
C GLN A 294 0.36 25.40 -14.89
N VAL A 295 1.13 25.51 -13.80
CA VAL A 295 2.51 25.98 -13.92
C VAL A 295 3.41 24.83 -14.36
N LEU A 296 3.56 23.80 -13.49
CA LEU A 296 4.48 22.71 -13.78
C LEU A 296 4.13 22.03 -15.11
N ALA A 297 2.84 21.74 -15.31
CA ALA A 297 2.44 21.00 -16.49
C ALA A 297 2.74 21.77 -17.76
N LYS A 298 2.59 23.09 -17.73
CA LYS A 298 2.89 23.91 -18.90
C LYS A 298 4.39 23.93 -19.19
N GLU A 299 5.21 24.02 -18.14
CA GLU A 299 6.66 24.01 -18.33
C GLU A 299 7.15 22.70 -18.93
N CYS A 300 6.53 21.59 -18.58
CA CYS A 300 6.97 20.27 -19.04
C CYS A 300 6.37 19.86 -20.37
N GLY A 301 5.47 20.65 -20.93
CA GLY A 301 4.86 20.31 -22.21
C GLY A 301 3.76 19.28 -22.18
N VAL A 302 2.99 19.21 -21.08
CA VAL A 302 1.82 18.33 -21.04
C VAL A 302 0.89 18.64 -22.22
N GLU A 303 0.25 17.59 -22.75
CA GLU A 303 -0.83 17.78 -23.71
C GLU A 303 -2.18 17.93 -23.02
N ASN A 304 -2.54 17.02 -22.12
CA ASN A 304 -3.76 17.15 -21.34
C ASN A 304 -3.50 16.67 -19.93
N ILE A 305 -3.73 17.52 -18.93
CA ILE A 305 -3.72 17.10 -17.54
C ILE A 305 -5.02 17.57 -16.91
N ARG A 306 -5.72 16.65 -16.26
CA ARG A 306 -7.00 16.93 -15.63
C ARG A 306 -7.00 16.34 -14.24
N ARG A 307 -8.01 16.68 -13.46
CA ARG A 307 -8.13 16.13 -12.12
C ARG A 307 -9.57 15.70 -11.88
N ALA A 308 -9.75 14.50 -11.34
CA ALA A 308 -11.09 14.06 -10.96
C ALA A 308 -11.68 15.05 -9.95
N GLU A 309 -12.96 15.35 -10.10
CA GLU A 309 -13.64 16.25 -9.18
C GLU A 309 -13.60 15.67 -7.77
N SER A 310 -13.39 16.53 -6.78
CA SER A 310 -13.48 16.05 -5.41
C SER A 310 -14.91 15.59 -5.13
N LEU A 311 -15.07 14.76 -4.10
CA LEU A 311 -16.37 14.12 -3.88
C LEU A 311 -17.42 15.15 -3.48
N ASN A 312 -17.04 16.11 -2.65
CA ASN A 312 -17.82 17.33 -2.43
C ASN A 312 -19.30 17.05 -2.23
N GLY A 313 -20.14 17.57 -3.13
CA GLY A 313 -21.57 17.46 -2.99
C GLY A 313 -22.22 16.23 -3.59
N ASN A 314 -21.45 15.27 -4.08
CA ASN A 314 -22.03 14.09 -4.70
C ASN A 314 -22.98 13.38 -3.74
N PRO A 315 -24.26 13.22 -4.07
CA PRO A 315 -25.20 12.60 -3.11
C PRO A 315 -24.86 11.16 -2.79
N LEU A 316 -24.16 10.47 -3.68
CA LEU A 316 -23.71 9.12 -3.37
C LEU A 316 -22.73 9.12 -2.21
N PHE A 317 -21.98 10.21 -2.02
CA PHE A 317 -21.05 10.26 -0.91
C PHE A 317 -21.79 10.43 0.41
N SER A 318 -22.83 11.27 0.41
CA SER A 318 -23.70 11.37 1.57
C SER A 318 -24.35 10.04 1.88
N LYS A 319 -24.71 9.28 0.86
CA LYS A 319 -25.23 7.94 1.10
C LYS A 319 -24.16 7.07 1.74
N ALA A 320 -22.91 7.22 1.31
CA ALA A 320 -21.83 6.44 1.89
C ALA A 320 -21.66 6.76 3.37
N LEU A 321 -21.69 8.05 3.72
CA LEU A 321 -21.55 8.42 5.12
C LEU A 321 -22.68 7.85 5.97
N ALA A 322 -23.93 7.96 5.49
CA ALA A 322 -25.05 7.43 6.26
C ALA A 322 -24.99 5.91 6.34
N ASP A 323 -24.61 5.24 5.26
CA ASP A 323 -24.46 3.80 5.32
C ASP A 323 -23.41 3.39 6.35
N LEU A 324 -22.28 4.13 6.40
CA LEU A 324 -21.25 3.84 7.40
C LEU A 324 -21.79 3.99 8.82
N VAL A 325 -22.49 5.08 9.10
CA VAL A 325 -23.00 5.29 10.46
C VAL A 325 -24.06 4.24 10.80
N HIS A 326 -24.97 3.99 9.87
CA HIS A 326 -26.04 3.02 10.09
C HIS A 326 -25.46 1.64 10.41
N SER A 327 -24.51 1.18 9.60
CA SER A 327 -23.90 -0.13 9.85
C SER A 327 -23.14 -0.13 11.16
N HIS A 328 -22.43 0.97 11.45
CA HIS A 328 -21.75 1.12 12.73
C HIS A 328 -22.72 0.98 13.89
N ILE A 329 -23.92 1.53 13.75
CA ILE A 329 -24.92 1.48 14.81
C ILE A 329 -25.47 0.07 14.95
N GLN A 330 -25.85 -0.54 13.82
CA GLN A 330 -26.42 -1.88 13.85
C GLN A 330 -25.46 -2.88 14.50
N SER A 331 -24.16 -2.76 14.21
CA SER A 331 -23.17 -3.73 14.64
C SER A 331 -22.73 -3.54 16.09
N ASN A 332 -23.08 -2.43 16.72
CA ASN A 332 -22.63 -2.10 18.07
C ASN A 332 -21.12 -2.00 18.19
N GLU A 333 -20.43 -1.74 17.08
CA GLU A 333 -18.99 -1.62 17.15
C GLU A 333 -18.62 -0.35 17.90
N LEU A 334 -17.59 -0.45 18.73
CA LEU A 334 -17.03 0.73 19.38
C LEU A 334 -15.91 1.39 18.57
N CYS A 335 -15.24 0.62 17.70
CA CYS A 335 -14.08 1.06 16.93
C CYS A 335 -13.70 -0.12 16.02
N SER A 336 -12.84 0.16 15.04
CA SER A 336 -12.37 -0.95 14.21
C SER A 336 -11.45 -1.85 15.01
N LYS A 337 -11.28 -3.09 14.52
CA LYS A 337 -10.30 -3.98 15.11
C LYS A 337 -8.91 -3.37 15.04
N GLN A 338 -8.63 -2.63 13.98
CA GLN A 338 -7.31 -2.04 13.77
C GLN A 338 -6.98 -1.01 14.83
N LEU A 339 -7.99 -0.32 15.38
CA LEU A 339 -7.68 0.67 16.40
C LEU A 339 -7.17 0.02 17.70
N THR A 340 -7.55 -1.24 17.97
CA THR A 340 -7.11 -1.93 19.18
C THR A 340 -5.62 -2.24 19.18
N LEU A 341 -4.91 -1.93 18.11
CA LEU A 341 -3.47 -2.14 18.03
C LEU A 341 -2.81 -0.80 17.79
N SER A 342 -2.04 -0.34 18.77
CA SER A 342 -1.27 0.89 18.61
C SER A 342 -0.03 0.62 17.76
N CYS A 343 0.60 1.69 17.30
CA CYS A 343 1.76 1.55 16.44
C CYS A 343 2.87 0.82 17.20
N PRO A 344 3.53 -0.15 16.58
CA PRO A 344 4.54 -0.93 17.32
C PRO A 344 5.69 -0.11 17.84
N LEU A 345 6.03 0.99 17.15
CA LEU A 345 7.11 1.86 17.56
C LEU A 345 6.58 3.20 18.08
N CYS A 346 5.30 3.24 18.42
CA CYS A 346 4.71 4.44 19.00
C CYS A 346 5.37 4.77 20.32
N VAL A 347 5.79 6.02 20.46
CA VAL A 347 6.35 6.54 21.69
C VAL A 347 5.37 7.44 22.44
N ASN A 348 4.24 7.78 21.83
CA ASN A 348 3.25 8.67 22.44
C ASN A 348 2.35 7.89 23.39
N PRO A 349 2.35 8.20 24.69
CA PRO A 349 1.51 7.42 25.63
C PRO A 349 0.03 7.72 25.53
N VAL A 350 -0.35 8.84 24.90
CA VAL A 350 -1.78 9.17 24.81
C VAL A 350 -2.50 8.20 23.88
N CYS A 351 -1.79 7.64 22.89
CA CYS A 351 -2.45 6.80 21.90
C CYS A 351 -3.11 5.60 22.55
N ARG A 352 -2.45 5.00 23.54
CA ARG A 352 -3.05 3.88 24.26
C ARG A 352 -4.21 4.34 25.12
N GLU A 353 -4.06 5.48 25.79
CA GLU A 353 -5.17 6.02 26.59
C GLU A 353 -6.38 6.29 25.72
N THR A 354 -6.17 6.88 24.54
CA THR A 354 -7.26 7.15 23.61
C THR A 354 -7.92 5.86 23.15
N LYS A 355 -7.12 4.87 22.76
CA LYS A 355 -7.64 3.57 22.38
C LYS A 355 -8.54 2.99 23.46
N SER A 356 -8.03 2.98 24.71
CA SER A 356 -8.80 2.43 25.83
C SER A 356 -10.08 3.22 26.07
N PHE A 357 -10.04 4.53 25.85
CA PHE A 357 -11.24 5.35 26.00
C PHE A 357 -12.39 4.80 25.15
N PHE A 358 -12.10 4.43 23.90
CA PHE A 358 -13.16 3.94 23.02
C PHE A 358 -13.48 2.46 23.26
N THR A 359 -12.47 1.61 23.45
CA THR A 359 -12.78 0.19 23.66
C THR A 359 -13.55 -0.04 24.96
N SER A 360 -13.41 0.87 25.93
CA SER A 360 -14.00 0.69 27.25
C SER A 360 -15.39 1.27 27.40
N GLN A 361 -15.92 1.92 26.37
CA GLN A 361 -17.17 2.66 26.51
C GLN A 361 -18.31 1.74 26.92
N GLN A 362 -19.13 2.22 27.86
CA GLN A 362 -20.39 1.56 28.14
C GLN A 362 -21.22 1.50 26.86
N LEU A 363 -21.82 0.33 26.60
CA LEU A 363 -22.67 0.18 25.42
C LEU A 363 -24.09 0.71 25.69
N ARG B 5 4.14 -36.76 -27.02
CA ARG B 5 3.83 -35.56 -27.79
C ARG B 5 4.77 -34.41 -27.43
N LYS B 6 5.15 -33.59 -28.41
CA LYS B 6 6.11 -32.53 -28.14
C LYS B 6 5.44 -31.39 -27.36
N PRO B 7 6.17 -30.70 -26.50
CA PRO B 7 5.58 -29.58 -25.76
C PRO B 7 5.18 -28.45 -26.70
N LYS B 8 3.98 -27.92 -26.48
CA LYS B 8 3.42 -26.84 -27.28
C LYS B 8 3.52 -25.49 -26.59
N THR B 9 3.33 -25.43 -25.27
CA THR B 9 3.27 -24.18 -24.52
C THR B 9 4.23 -24.29 -23.34
N GLY B 10 5.16 -23.35 -23.25
CA GLY B 10 6.11 -23.33 -22.15
C GLY B 10 5.76 -22.23 -21.16
N ILE B 11 5.80 -22.59 -19.88
CA ILE B 11 5.58 -21.64 -18.81
C ILE B 11 6.90 -21.46 -18.09
N LEU B 12 7.52 -20.30 -18.28
CA LEU B 12 8.81 -19.97 -17.67
C LEU B 12 8.54 -19.33 -16.31
N MET B 13 8.91 -20.03 -15.23
CA MET B 13 8.68 -19.57 -13.87
C MET B 13 9.91 -18.83 -13.38
N LEU B 14 9.75 -17.56 -13.07
CA LEU B 14 10.85 -16.64 -12.83
C LEU B 14 10.94 -16.34 -11.35
N ASN B 15 12.13 -16.53 -10.78
CA ASN B 15 12.42 -16.25 -9.38
C ASN B 15 13.89 -15.84 -9.31
N MET B 16 14.25 -15.11 -8.24
CA MET B 16 15.67 -14.82 -8.07
C MET B 16 16.48 -16.09 -7.83
N GLY B 17 15.90 -17.06 -7.12
CA GLY B 17 16.58 -18.29 -6.79
C GLY B 17 17.49 -18.13 -5.59
N GLY B 18 17.98 -19.27 -5.11
CA GLY B 18 18.94 -19.31 -4.04
C GLY B 18 19.85 -20.52 -4.20
N PRO B 19 21.01 -20.49 -3.53
CA PRO B 19 21.98 -21.60 -3.69
C PRO B 19 21.44 -22.90 -3.11
N GLU B 20 21.45 -23.97 -3.92
CA GLU B 20 20.96 -25.26 -3.45
C GLU B 20 21.90 -25.92 -2.46
N THR B 21 23.19 -25.71 -2.61
CA THR B 21 24.19 -26.29 -1.73
C THR B 21 25.11 -25.17 -1.27
N LEU B 22 25.88 -25.47 -0.21
CA LEU B 22 26.85 -24.50 0.28
C LEU B 22 27.87 -24.14 -0.80
N GLY B 23 28.21 -25.10 -1.66
CA GLY B 23 29.15 -24.83 -2.72
C GLY B 23 28.67 -23.84 -3.75
N ASP B 24 27.34 -23.66 -3.86
CA ASP B 24 26.77 -22.72 -4.82
C ASP B 24 26.74 -21.28 -4.32
N VAL B 25 27.11 -21.03 -3.06
CA VAL B 25 26.87 -19.70 -2.47
C VAL B 25 27.69 -18.64 -3.18
N HIS B 26 28.97 -18.93 -3.45
CA HIS B 26 29.85 -17.92 -4.01
C HIS B 26 29.36 -17.39 -5.36
N ASP B 27 29.02 -18.29 -6.28
CA ASP B 27 28.57 -17.82 -7.59
C ASP B 27 27.21 -17.15 -7.49
N PHE B 28 26.35 -17.61 -6.57
CA PHE B 28 25.10 -16.94 -6.30
C PHE B 28 25.34 -15.49 -5.92
N LEU B 29 26.27 -15.26 -4.98
CA LEU B 29 26.57 -13.89 -4.56
C LEU B 29 27.23 -13.09 -5.67
N LEU B 30 28.04 -13.74 -6.51
CA LEU B 30 28.68 -13.04 -7.61
C LEU B 30 27.65 -12.53 -8.61
N ARG B 31 26.73 -13.39 -9.04
CA ARG B 31 25.67 -12.96 -9.94
C ARG B 31 24.79 -11.89 -9.29
N LEU B 32 24.57 -11.99 -7.99
CA LEU B 32 23.73 -11.00 -7.31
C LEU B 32 24.35 -9.62 -7.37
N PHE B 33 25.62 -9.51 -7.00
CA PHE B 33 26.24 -8.19 -6.97
C PHE B 33 26.62 -7.68 -8.34
N LEU B 34 26.62 -8.54 -9.36
CA LEU B 34 26.77 -8.09 -10.73
C LEU B 34 25.49 -7.56 -11.34
N ASP B 35 24.35 -7.72 -10.67
CA ASP B 35 23.04 -7.37 -11.23
C ASP B 35 22.89 -5.85 -11.24
N ARG B 36 23.13 -5.24 -12.41
CA ARG B 36 23.04 -3.79 -12.53
C ARG B 36 21.61 -3.28 -12.36
N ASP B 37 20.60 -4.11 -12.61
CA ASP B 37 19.24 -3.64 -12.38
C ASP B 37 18.94 -3.54 -10.89
N LEU B 38 19.68 -4.30 -10.07
CA LEU B 38 19.51 -4.22 -8.62
C LEU B 38 20.36 -3.10 -8.03
N MET B 39 21.60 -2.96 -8.48
CA MET B 39 22.50 -1.98 -7.88
C MET B 39 23.58 -1.59 -8.89
N THR B 40 23.90 -0.30 -8.92
CA THR B 40 24.89 0.23 -9.84
C THR B 40 26.17 0.63 -9.11
N LEU B 41 26.79 -0.32 -8.41
CA LEU B 41 28.03 -0.02 -7.71
C LEU B 41 29.16 0.25 -8.72
N PRO B 42 30.16 1.02 -8.34
CA PRO B 42 31.24 1.33 -9.27
C PRO B 42 32.18 0.15 -9.44
N ILE B 43 32.94 0.19 -10.55
CA ILE B 43 33.80 -0.89 -11.02
C ILE B 43 33.09 -2.22 -10.76
N GLN B 44 31.87 -2.33 -11.31
CA GLN B 44 30.97 -3.43 -10.98
C GLN B 44 31.60 -4.78 -11.27
N ASN B 45 32.09 -4.97 -12.50
CA ASN B 45 32.64 -6.27 -12.92
C ASN B 45 33.91 -6.66 -12.16
N LYS B 46 34.44 -5.78 -11.32
CA LYS B 46 35.56 -6.12 -10.46
C LYS B 46 35.31 -5.86 -8.98
N LEU B 47 34.41 -4.95 -8.61
CA LEU B 47 34.09 -4.76 -7.20
C LEU B 47 33.17 -5.86 -6.66
N ALA B 48 32.25 -6.35 -7.48
CA ALA B 48 31.39 -7.45 -7.04
C ALA B 48 32.14 -8.73 -6.70
N PRO B 49 33.16 -9.18 -7.45
CA PRO B 49 33.86 -10.40 -7.03
C PRO B 49 34.49 -10.28 -5.65
N PHE B 50 34.99 -9.10 -5.30
CA PHE B 50 35.54 -8.92 -3.95
C PHE B 50 34.45 -9.08 -2.90
N ILE B 51 33.28 -8.49 -3.14
CA ILE B 51 32.19 -8.62 -2.19
C ILE B 51 31.76 -10.08 -2.08
N ALA B 52 31.78 -10.81 -3.20
CA ALA B 52 31.31 -12.18 -3.19
C ALA B 52 32.21 -13.07 -2.35
N LYS B 53 33.53 -12.97 -2.52
CA LYS B 53 34.42 -13.82 -1.74
C LYS B 53 34.41 -13.44 -0.27
N ARG B 54 34.23 -12.16 0.04
CA ARG B 54 34.23 -11.75 1.44
C ARG B 54 33.00 -12.26 2.17
N LEU B 55 31.84 -12.29 1.51
CA LEU B 55 30.59 -12.64 2.18
C LEU B 55 30.23 -14.12 2.08
N THR B 56 30.92 -14.90 1.25
CA THR B 56 30.59 -16.32 1.09
C THR B 56 30.57 -17.10 2.41
N PRO B 57 31.60 -17.02 3.27
CA PRO B 57 31.51 -17.79 4.53
C PRO B 57 30.31 -17.42 5.38
N LYS B 58 30.05 -16.13 5.56
CA LYS B 58 28.89 -15.70 6.35
C LYS B 58 27.60 -16.25 5.76
N ILE B 59 27.47 -16.21 4.43
CA ILE B 59 26.23 -16.65 3.80
C ILE B 59 26.16 -18.17 3.80
N GLN B 60 27.29 -18.86 3.58
CA GLN B 60 27.31 -20.30 3.75
C GLN B 60 26.85 -20.70 5.14
N GLU B 61 27.26 -19.95 6.16
CA GLU B 61 26.87 -20.28 7.53
C GLU B 61 25.37 -20.12 7.72
N GLN B 62 24.77 -19.08 7.12
CA GLN B 62 23.33 -18.92 7.21
C GLN B 62 22.62 -20.13 6.58
N TYR B 63 23.07 -20.55 5.40
CA TYR B 63 22.41 -21.70 4.77
C TYR B 63 22.67 -22.98 5.54
N ARG B 64 23.86 -23.15 6.12
CA ARG B 64 24.10 -24.29 6.99
C ARG B 64 23.07 -24.33 8.11
N ARG B 65 22.69 -23.16 8.66
CA ARG B 65 21.75 -23.13 9.78
C ARG B 65 20.35 -23.56 9.38
N ILE B 66 20.01 -23.57 8.09
CA ILE B 66 18.69 -24.02 7.68
C ILE B 66 18.75 -25.35 6.93
N GLY B 67 19.85 -26.08 7.05
CA GLY B 67 19.90 -27.42 6.49
C GLY B 67 20.81 -27.59 5.30
N GLY B 68 21.51 -26.53 4.87
CA GLY B 68 22.55 -26.67 3.87
C GLY B 68 22.27 -26.02 2.52
N GLY B 69 21.13 -25.38 2.34
CA GLY B 69 20.82 -24.83 1.04
C GLY B 69 19.40 -24.29 0.99
N SER B 70 19.08 -23.66 -0.15
CA SER B 70 17.75 -23.12 -0.35
C SER B 70 16.81 -24.18 -0.90
N PRO B 71 15.57 -24.26 -0.42
CA PRO B 71 14.60 -25.18 -1.01
C PRO B 71 13.81 -24.62 -2.19
N ILE B 72 14.18 -23.45 -2.74
CA ILE B 72 13.35 -22.79 -3.74
C ILE B 72 13.13 -23.70 -4.94
N LYS B 73 14.18 -24.35 -5.42
CA LYS B 73 14.04 -25.11 -6.66
C LYS B 73 13.10 -26.29 -6.47
N ILE B 74 13.21 -26.99 -5.35
CA ILE B 74 12.29 -28.08 -5.03
C ILE B 74 10.85 -27.60 -5.06
N TRP B 75 10.55 -26.53 -4.32
CA TRP B 75 9.17 -26.06 -4.25
C TRP B 75 8.69 -25.56 -5.61
N THR B 76 9.53 -24.78 -6.30
CA THR B 76 9.15 -24.31 -7.63
C THR B 76 8.82 -25.49 -8.55
N SER B 77 9.62 -26.55 -8.47
CA SER B 77 9.40 -27.74 -9.30
C SER B 77 8.07 -28.42 -8.98
N LYS B 78 7.80 -28.64 -7.68
CA LYS B 78 6.53 -29.26 -7.30
C LYS B 78 5.37 -28.39 -7.75
N GLN B 79 5.49 -27.07 -7.56
CA GLN B 79 4.40 -26.17 -7.97
C GLN B 79 4.24 -26.21 -9.48
N GLY B 80 5.33 -26.23 -10.22
CA GLY B 80 5.24 -26.28 -11.67
C GLY B 80 4.62 -27.57 -12.19
N GLU B 81 5.00 -28.71 -11.60
CA GLU B 81 4.41 -30.00 -12.00
C GLU B 81 2.90 -29.99 -11.82
N GLY B 82 2.43 -29.51 -10.67
CA GLY B 82 0.99 -29.47 -10.45
C GLY B 82 0.30 -28.52 -11.40
N MET B 83 0.91 -27.36 -11.66
CA MET B 83 0.37 -26.41 -12.63
C MET B 83 0.17 -27.07 -13.99
N VAL B 84 1.18 -27.80 -14.45
CA VAL B 84 1.14 -28.44 -15.76
C VAL B 84 0.05 -29.51 -15.83
N LYS B 85 -0.05 -30.35 -14.79
CA LYS B 85 -1.07 -31.40 -14.80
C LYS B 85 -2.47 -30.82 -14.95
N LEU B 86 -2.73 -29.68 -14.31
CA LEU B 86 -4.04 -29.07 -14.42
C LEU B 86 -4.22 -28.40 -15.77
N LEU B 87 -3.19 -27.70 -16.26
CA LEU B 87 -3.31 -26.98 -17.52
C LEU B 87 -3.58 -27.93 -18.68
N ASP B 88 -2.92 -29.09 -18.70
CA ASP B 88 -3.18 -30.07 -19.74
C ASP B 88 -4.64 -30.47 -19.78
N GLU B 89 -5.35 -30.40 -18.65
CA GLU B 89 -6.78 -30.66 -18.65
C GLU B 89 -7.59 -29.39 -18.88
N LEU B 90 -7.14 -28.26 -18.30
CA LEU B 90 -7.86 -27.00 -18.41
C LEU B 90 -7.85 -26.44 -19.83
N SER B 91 -6.75 -26.60 -20.55
CA SER B 91 -6.54 -25.92 -21.83
C SER B 91 -5.96 -26.89 -22.85
N PRO B 92 -6.79 -27.80 -23.37
CA PRO B 92 -6.26 -28.82 -24.29
C PRO B 92 -5.78 -28.27 -25.63
N ASN B 93 -6.25 -27.09 -26.05
CA ASN B 93 -5.79 -26.51 -27.31
C ASN B 93 -4.38 -25.97 -27.24
N THR B 94 -3.85 -25.73 -26.03
CA THR B 94 -2.48 -25.29 -25.86
C THR B 94 -1.61 -26.37 -25.24
N ALA B 95 -2.16 -27.54 -25.01
CA ALA B 95 -1.44 -28.68 -24.46
C ALA B 95 -0.64 -29.39 -25.56
N PRO B 96 0.47 -30.07 -25.20
CA PRO B 96 0.98 -30.25 -23.84
C PRO B 96 1.71 -29.03 -23.30
N HIS B 97 1.58 -28.79 -22.01
CA HIS B 97 2.26 -27.69 -21.35
C HIS B 97 3.54 -28.20 -20.68
N LYS B 98 4.57 -27.37 -20.65
CA LYS B 98 5.80 -27.70 -19.96
C LYS B 98 6.24 -26.50 -19.13
N TYR B 99 6.64 -26.74 -17.88
CA TYR B 99 7.17 -25.65 -17.06
C TYR B 99 8.69 -25.61 -17.18
N TYR B 100 9.23 -24.41 -17.10
CA TYR B 100 10.68 -24.20 -17.07
C TYR B 100 10.99 -23.24 -15.94
N ILE B 101 12.14 -23.43 -15.31
CA ILE B 101 12.55 -22.59 -14.19
C ILE B 101 13.63 -21.64 -14.69
N GLY B 102 13.42 -20.34 -14.49
CA GLY B 102 14.40 -19.35 -14.85
C GLY B 102 14.79 -18.54 -13.63
N PHE B 103 15.91 -18.90 -13.01
CA PHE B 103 16.38 -18.20 -11.84
C PHE B 103 17.30 -17.07 -12.26
N ARG B 104 17.30 -16.01 -11.46
CA ARG B 104 18.13 -14.87 -11.78
C ARG B 104 19.59 -15.12 -11.43
N TYR B 105 19.88 -15.78 -10.30
CA TYR B 105 21.22 -15.80 -9.75
C TYR B 105 21.83 -17.18 -9.58
N VAL B 106 21.12 -18.25 -9.92
CA VAL B 106 21.65 -19.61 -9.82
C VAL B 106 21.11 -20.42 -11.00
N HIS B 107 21.71 -21.60 -11.20
CA HIS B 107 21.25 -22.49 -12.26
C HIS B 107 19.96 -23.19 -11.85
N PRO B 108 19.04 -23.41 -12.78
CA PRO B 108 19.12 -22.95 -14.16
C PRO B 108 18.83 -21.45 -14.27
N LEU B 109 19.72 -20.70 -14.94
CA LEU B 109 19.54 -19.28 -15.17
C LEU B 109 18.44 -19.04 -16.21
N THR B 110 17.86 -17.83 -16.15
CA THR B 110 16.83 -17.46 -17.13
C THR B 110 17.31 -17.69 -18.55
N GLU B 111 18.58 -17.39 -18.83
CA GLU B 111 19.13 -17.56 -20.17
C GLU B 111 19.20 -19.03 -20.57
N GLU B 112 19.56 -19.92 -19.63
CA GLU B 112 19.57 -21.34 -19.95
C GLU B 112 18.17 -21.87 -20.20
N ALA B 113 17.19 -21.41 -19.41
CA ALA B 113 15.81 -21.84 -19.67
C ALA B 113 15.34 -21.39 -21.05
N ILE B 114 15.68 -20.16 -21.45
CA ILE B 114 15.20 -19.70 -22.75
C ILE B 114 15.80 -20.57 -23.86
N GLU B 115 17.07 -20.94 -23.73
CA GLU B 115 17.71 -21.82 -24.72
C GLU B 115 16.95 -23.15 -24.83
N GLU B 116 16.59 -23.74 -23.69
CA GLU B 116 15.88 -25.02 -23.72
C GLU B 116 14.50 -24.89 -24.33
N MET B 117 13.75 -23.85 -23.94
CA MET B 117 12.44 -23.61 -24.53
C MET B 117 12.54 -23.51 -26.05
N GLU B 118 13.53 -22.76 -26.54
CA GLU B 118 13.70 -22.65 -27.99
C GLU B 118 14.08 -24.00 -28.60
N ARG B 119 15.00 -24.73 -27.96
CA ARG B 119 15.38 -26.06 -28.47
C ARG B 119 14.19 -26.99 -28.52
N ASP B 120 13.28 -26.88 -27.54
CA ASP B 120 12.08 -27.70 -27.52
C ASP B 120 11.07 -27.30 -28.61
N GLY B 121 11.31 -26.20 -29.34
CA GLY B 121 10.42 -25.82 -30.42
C GLY B 121 9.01 -25.44 -30.00
N LEU B 122 8.86 -24.77 -28.86
CA LEU B 122 7.55 -24.35 -28.39
C LEU B 122 6.88 -23.38 -29.37
N GLU B 123 5.56 -23.47 -29.44
CA GLU B 123 4.77 -22.47 -30.14
C GLU B 123 4.60 -21.21 -29.31
N ARG B 124 4.36 -21.34 -28.01
CA ARG B 124 4.08 -20.17 -27.19
C ARG B 124 4.83 -20.25 -25.87
N ALA B 125 5.24 -19.08 -25.39
CA ALA B 125 6.12 -18.96 -24.24
C ALA B 125 5.51 -17.92 -23.31
N ILE B 126 5.37 -18.27 -22.04
CA ILE B 126 4.76 -17.38 -21.05
C ILE B 126 5.77 -17.12 -19.94
N ALA B 127 6.22 -15.86 -19.85
CA ALA B 127 7.06 -15.41 -18.74
C ALA B 127 6.17 -15.20 -17.52
N PHE B 128 6.19 -16.15 -16.59
CA PHE B 128 5.28 -16.17 -15.44
C PHE B 128 6.11 -15.85 -14.19
N THR B 129 6.14 -14.58 -13.81
CA THR B 129 6.87 -14.23 -12.60
C THR B 129 6.25 -14.95 -11.39
N GLN B 130 7.10 -15.46 -10.51
CA GLN B 130 6.60 -16.03 -9.27
C GLN B 130 6.53 -15.03 -8.14
N TYR B 131 6.79 -13.74 -8.42
CA TYR B 131 6.49 -12.67 -7.47
C TYR B 131 5.09 -12.16 -7.73
N PRO B 132 4.15 -12.33 -6.81
CA PRO B 132 2.79 -11.82 -7.06
C PRO B 132 2.74 -10.31 -7.17
N GLN B 133 3.62 -9.60 -6.47
CA GLN B 133 3.63 -8.14 -6.47
C GLN B 133 4.86 -7.64 -7.23
N TYR B 134 4.64 -6.73 -8.17
CA TYR B 134 5.70 -6.33 -9.09
C TYR B 134 6.65 -5.33 -8.45
N SER B 135 7.95 -5.62 -8.54
CA SER B 135 8.97 -4.62 -8.31
C SER B 135 9.90 -4.61 -9.50
N CYS B 136 10.45 -3.44 -9.83
CA CYS B 136 11.49 -3.41 -10.87
C CYS B 136 12.70 -4.23 -10.47
N SER B 137 12.89 -4.46 -9.17
CA SER B 137 14.03 -5.21 -8.66
C SER B 137 13.84 -6.72 -8.78
N THR B 138 12.59 -7.19 -8.90
CA THR B 138 12.34 -8.62 -8.94
C THR B 138 11.84 -8.97 -10.34
N THR B 139 10.52 -8.86 -10.53
CA THR B 139 9.95 -9.16 -11.84
C THR B 139 10.58 -8.33 -12.96
N GLY B 140 10.81 -7.03 -12.73
CA GLY B 140 11.35 -6.20 -13.79
C GLY B 140 12.70 -6.70 -14.28
N SER B 141 13.60 -7.04 -13.37
CA SER B 141 14.92 -7.52 -13.75
C SER B 141 14.84 -8.87 -14.47
N SER B 142 13.97 -9.76 -14.01
CA SER B 142 13.77 -11.04 -14.69
C SER B 142 13.27 -10.84 -16.12
N LEU B 143 12.31 -9.93 -16.31
CA LEU B 143 11.81 -9.66 -17.65
C LEU B 143 12.88 -9.02 -18.51
N ASN B 144 13.65 -8.07 -17.95
CA ASN B 144 14.79 -7.51 -18.68
C ASN B 144 15.70 -8.60 -19.22
N ALA B 145 15.95 -9.66 -18.41
CA ALA B 145 16.87 -10.70 -18.85
C ALA B 145 16.36 -11.42 -20.10
N ILE B 146 15.04 -11.56 -20.23
CA ILE B 146 14.47 -12.18 -21.43
C ILE B 146 14.70 -11.29 -22.64
N TYR B 147 14.39 -9.99 -22.50
CA TYR B 147 14.67 -9.05 -23.59
C TYR B 147 16.16 -9.05 -23.93
N ARG B 148 17.02 -8.97 -22.92
CA ARG B 148 18.45 -8.91 -23.16
C ARG B 148 18.94 -10.16 -23.85
N TYR B 149 18.41 -11.32 -23.49
CA TYR B 149 18.85 -12.56 -24.10
C TYR B 149 18.75 -12.50 -25.62
N TYR B 150 17.59 -12.10 -26.13
CA TYR B 150 17.42 -12.04 -27.58
C TYR B 150 18.24 -10.90 -28.18
N ASN B 151 18.44 -9.83 -27.42
CA ASN B 151 19.28 -8.75 -27.91
C ASN B 151 20.74 -9.18 -27.99
N GLN B 152 21.24 -9.95 -27.02
CA GLN B 152 22.64 -10.36 -27.07
C GLN B 152 22.89 -11.37 -28.18
N VAL B 153 22.08 -12.44 -28.25
CA VAL B 153 22.27 -13.41 -29.33
C VAL B 153 22.07 -12.76 -30.69
N GLY B 154 21.30 -11.67 -30.74
CA GLY B 154 21.10 -10.94 -31.97
C GLY B 154 20.04 -11.49 -32.88
N ARG B 155 19.40 -12.61 -32.53
CA ARG B 155 18.34 -13.17 -33.34
C ARG B 155 17.01 -13.04 -32.61
N LYS B 156 15.95 -13.20 -33.36
CA LYS B 156 14.61 -13.00 -32.82
C LYS B 156 14.05 -14.31 -32.27
N PRO B 157 13.02 -14.24 -31.43
CA PRO B 157 12.50 -15.47 -30.83
C PRO B 157 11.76 -16.31 -31.85
N THR B 158 11.82 -17.63 -31.65
CA THR B 158 11.07 -18.58 -32.45
C THR B 158 9.76 -19.02 -31.79
N MET B 159 9.37 -18.34 -30.71
CA MET B 159 8.13 -18.63 -30.01
C MET B 159 7.42 -17.30 -29.76
N LYS B 160 6.10 -17.37 -29.62
CA LYS B 160 5.31 -16.19 -29.28
C LYS B 160 5.35 -15.97 -27.77
N TRP B 161 5.84 -14.81 -27.36
CA TRP B 161 6.02 -14.50 -25.95
C TRP B 161 4.85 -13.69 -25.40
N SER B 162 4.61 -13.85 -24.10
CA SER B 162 3.75 -12.97 -23.34
C SER B 162 4.21 -13.10 -21.89
N THR B 163 3.66 -12.25 -21.03
CA THR B 163 4.03 -12.35 -19.62
C THR B 163 2.82 -12.20 -18.73
N ILE B 164 2.81 -13.00 -17.65
CA ILE B 164 2.01 -12.74 -16.47
C ILE B 164 2.98 -12.04 -15.53
N ASP B 165 2.89 -10.71 -15.47
CA ASP B 165 3.92 -9.91 -14.82
C ASP B 165 3.57 -9.52 -13.38
N ARG B 166 2.34 -9.76 -12.96
CA ARG B 166 1.98 -9.57 -11.55
C ARG B 166 0.62 -10.21 -11.33
N TRP B 167 0.32 -10.51 -10.07
CA TRP B 167 -0.96 -11.09 -9.71
C TRP B 167 -1.21 -10.91 -8.22
N PRO B 168 -1.13 -9.68 -7.72
CA PRO B 168 -1.12 -9.47 -6.26
C PRO B 168 -2.42 -9.85 -5.55
N THR B 169 -3.54 -9.93 -6.27
CA THR B 169 -4.83 -10.14 -5.61
C THR B 169 -5.60 -11.32 -6.19
N HIS B 170 -4.92 -12.24 -6.89
CA HIS B 170 -5.64 -13.41 -7.42
C HIS B 170 -6.36 -14.13 -6.29
N HIS B 171 -7.64 -14.46 -6.51
CA HIS B 171 -8.48 -14.91 -5.41
C HIS B 171 -7.97 -16.19 -4.77
N LEU B 172 -7.27 -17.02 -5.55
CA LEU B 172 -6.77 -18.27 -4.98
C LEU B 172 -5.46 -18.08 -4.24
N LEU B 173 -4.61 -17.16 -4.69
CA LEU B 173 -3.50 -16.72 -3.84
C LEU B 173 -4.00 -16.21 -2.49
N ILE B 174 -5.02 -15.36 -2.50
CA ILE B 174 -5.55 -14.83 -1.24
C ILE B 174 -6.10 -15.98 -0.37
N GLN B 175 -6.85 -16.88 -0.97
CA GLN B 175 -7.41 -17.99 -0.19
C GLN B 175 -6.31 -18.82 0.45
N CYS B 176 -5.21 -19.08 -0.29
CA CYS B 176 -4.09 -19.82 0.27
C CYS B 176 -3.52 -19.13 1.50
N PHE B 177 -3.27 -17.82 1.41
CA PHE B 177 -2.73 -17.11 2.57
C PHE B 177 -3.70 -17.14 3.74
N ALA B 178 -4.99 -16.91 3.46
CA ALA B 178 -5.96 -16.92 4.55
C ALA B 178 -6.08 -18.30 5.19
N ASP B 179 -6.04 -19.36 4.37
CA ASP B 179 -6.06 -20.72 4.93
C ASP B 179 -4.86 -20.96 5.84
N HIS B 180 -3.66 -20.57 5.40
CA HIS B 180 -2.49 -20.83 6.24
C HIS B 180 -2.50 -19.98 7.50
N ILE B 181 -3.06 -18.76 7.44
CA ILE B 181 -3.17 -17.94 8.64
C ILE B 181 -4.12 -18.59 9.64
N LEU B 182 -5.30 -19.03 9.17
CA LEU B 182 -6.27 -19.64 10.08
C LEU B 182 -5.70 -20.91 10.69
N LYS B 183 -5.04 -21.74 9.87
CA LYS B 183 -4.42 -22.94 10.39
C LYS B 183 -3.42 -22.61 11.50
N GLU B 184 -2.62 -21.55 11.30
CA GLU B 184 -1.65 -21.17 12.30
C GLU B 184 -2.32 -20.52 13.51
N LEU B 185 -3.40 -19.75 13.29
CA LEU B 185 -4.13 -19.20 14.43
C LEU B 185 -4.60 -20.31 15.36
N ASP B 186 -4.99 -21.46 14.79
CA ASP B 186 -5.47 -22.58 15.60
C ASP B 186 -4.40 -23.16 16.51
N HIS B 187 -3.14 -22.91 16.22
CA HIS B 187 -2.03 -23.46 17.01
C HIS B 187 -1.63 -22.56 18.17
N PHE B 188 -2.18 -21.35 18.26
CA PHE B 188 -2.02 -20.57 19.47
C PHE B 188 -2.89 -21.13 20.59
N PRO B 189 -2.50 -20.93 21.85
CA PRO B 189 -3.43 -21.23 22.96
C PRO B 189 -4.75 -20.52 22.72
N LEU B 190 -5.86 -21.25 22.92
CA LEU B 190 -7.18 -20.70 22.65
C LEU B 190 -7.43 -19.38 23.39
N GLU B 191 -6.89 -19.24 24.61
CA GLU B 191 -7.15 -18.03 25.37
C GLU B 191 -6.40 -16.81 24.80
N LYS B 192 -5.48 -17.03 23.88
CA LYS B 192 -4.68 -15.95 23.32
C LYS B 192 -4.99 -15.70 21.84
N ARG B 193 -5.92 -16.46 21.24
CA ARG B 193 -6.18 -16.36 19.81
C ARG B 193 -6.61 -14.95 19.41
N SER B 194 -7.56 -14.38 20.14
CA SER B 194 -8.04 -13.02 19.85
C SER B 194 -6.97 -11.98 20.06
N GLU B 195 -5.98 -12.27 20.90
CA GLU B 195 -4.92 -11.34 21.25
C GLU B 195 -3.83 -11.28 20.18
N VAL B 196 -3.80 -12.25 19.27
CA VAL B 196 -2.70 -12.38 18.31
C VAL B 196 -2.68 -11.19 17.36
N VAL B 197 -1.50 -10.60 17.16
CA VAL B 197 -1.28 -9.57 16.15
C VAL B 197 -0.70 -10.23 14.91
N ILE B 198 -1.26 -9.93 13.75
CA ILE B 198 -0.77 -10.48 12.49
C ILE B 198 0.20 -9.49 11.85
N LEU B 199 1.46 -9.88 11.78
CA LEU B 199 2.47 -9.08 11.09
C LEU B 199 2.66 -9.66 9.69
N PHE B 200 2.13 -8.97 8.70
CA PHE B 200 2.53 -9.27 7.33
C PHE B 200 3.93 -8.72 7.12
N SER B 201 4.87 -9.61 6.83
CA SER B 201 6.27 -9.25 6.63
C SER B 201 6.60 -9.47 5.15
N ALA B 202 6.88 -8.38 4.45
CA ALA B 202 7.30 -8.43 3.05
C ALA B 202 8.73 -7.94 2.96
N HIS B 203 9.41 -8.41 1.93
CA HIS B 203 10.77 -7.95 1.69
C HIS B 203 10.75 -6.44 1.46
N SER B 204 11.69 -5.73 2.06
CA SER B 204 11.73 -4.29 1.94
C SER B 204 12.37 -3.87 0.60
N LEU B 205 12.39 -2.56 0.34
CA LEU B 205 13.08 -2.00 -0.80
C LEU B 205 13.88 -0.81 -0.33
N PRO B 206 15.02 -0.51 -0.95
CA PRO B 206 15.69 0.77 -0.68
C PRO B 206 14.75 1.91 -1.03
N MET B 207 14.80 2.97 -0.21
CA MET B 207 13.95 4.13 -0.47
C MET B 207 14.22 4.74 -1.84
N SER B 208 15.45 4.63 -2.35
CA SER B 208 15.73 5.13 -3.69
C SER B 208 14.90 4.42 -4.75
N VAL B 209 14.55 3.17 -4.50
CA VAL B 209 13.69 2.45 -5.44
C VAL B 209 12.23 2.83 -5.23
N VAL B 210 11.80 2.91 -3.97
CA VAL B 210 10.43 3.34 -3.68
C VAL B 210 10.17 4.73 -4.31
N ASN B 211 11.08 5.67 -4.06
CA ASN B 211 10.86 7.07 -4.44
C ASN B 211 10.95 7.30 -5.95
N ARG B 212 11.31 6.32 -6.75
CA ARG B 212 11.26 6.54 -8.19
C ARG B 212 9.98 5.96 -8.80
N GLY B 213 9.09 5.44 -7.97
CA GLY B 213 7.78 5.02 -8.40
C GLY B 213 7.56 3.52 -8.50
N ASP B 214 8.34 2.71 -7.80
CA ASP B 214 8.18 1.28 -7.87
C ASP B 214 6.80 0.87 -7.36
N PRO B 215 6.07 0.04 -8.10
CA PRO B 215 4.70 -0.32 -7.68
C PRO B 215 4.62 -1.34 -6.57
N TYR B 216 5.75 -1.89 -6.12
CA TYR B 216 5.72 -3.00 -5.19
C TYR B 216 5.00 -2.70 -3.88
N PRO B 217 5.31 -1.62 -3.14
CA PRO B 217 4.64 -1.43 -1.84
C PRO B 217 3.14 -1.34 -1.93
N GLN B 218 2.61 -0.66 -2.95
CA GLN B 218 1.16 -0.55 -3.15
C GLN B 218 0.55 -1.91 -3.49
N GLU B 219 1.25 -2.74 -4.29
CA GLU B 219 0.67 -4.04 -4.61
C GLU B 219 0.72 -4.98 -3.42
N VAL B 220 1.80 -4.95 -2.64
CA VAL B 220 1.85 -5.77 -1.42
C VAL B 220 0.72 -5.36 -0.49
N SER B 221 0.47 -4.05 -0.39
CA SER B 221 -0.61 -3.56 0.45
C SER B 221 -1.96 -4.08 -0.01
N ALA B 222 -2.15 -4.22 -1.33
CA ALA B 222 -3.41 -4.77 -1.82
C ALA B 222 -3.55 -6.25 -1.45
N THR B 223 -2.46 -7.03 -1.52
CA THR B 223 -2.54 -8.42 -1.08
C THR B 223 -2.97 -8.49 0.38
N VAL B 224 -2.33 -7.67 1.22
CA VAL B 224 -2.65 -7.67 2.65
C VAL B 224 -4.13 -7.35 2.87
N GLN B 225 -4.63 -6.34 2.18
CA GLN B 225 -6.02 -5.95 2.37
C GLN B 225 -6.98 -7.07 1.96
N LYS B 226 -6.72 -7.73 0.84
CA LYS B 226 -7.62 -8.81 0.41
C LYS B 226 -7.58 -9.98 1.38
N VAL B 227 -6.40 -10.33 1.90
CA VAL B 227 -6.32 -11.38 2.89
C VAL B 227 -7.14 -11.02 4.12
N MET B 228 -6.90 -9.82 4.68
CA MET B 228 -7.60 -9.45 5.91
C MET B 228 -9.10 -9.32 5.69
N GLU B 229 -9.50 -8.97 4.48
CA GLU B 229 -10.91 -8.92 4.12
C GLU B 229 -11.51 -10.33 4.09
N ARG B 230 -10.76 -11.29 3.55
CA ARG B 230 -11.24 -12.66 3.58
C ARG B 230 -11.30 -13.21 5.01
N LEU B 231 -10.38 -12.77 5.88
CA LEU B 231 -10.39 -13.19 7.28
C LEU B 231 -11.38 -12.41 8.12
N GLU B 232 -12.13 -11.50 7.49
CA GLU B 232 -13.14 -10.67 8.18
C GLU B 232 -12.52 -9.88 9.33
N TYR B 233 -11.30 -9.41 9.13
CA TYR B 233 -10.59 -8.57 10.10
C TYR B 233 -10.63 -9.18 11.50
N CYS B 234 -10.38 -10.48 11.56
CA CYS B 234 -10.53 -11.23 12.81
C CYS B 234 -9.49 -10.85 13.86
N ASN B 235 -8.35 -10.32 13.45
CA ASN B 235 -7.26 -9.91 14.32
C ASN B 235 -6.69 -8.60 13.80
N PRO B 236 -6.09 -7.80 14.67
CA PRO B 236 -5.37 -6.61 14.20
C PRO B 236 -4.14 -7.00 13.41
N TYR B 237 -3.71 -6.12 12.50
CA TYR B 237 -2.56 -6.46 11.68
C TYR B 237 -1.74 -5.22 11.38
N ARG B 238 -0.49 -5.45 10.98
CA ARG B 238 0.36 -4.42 10.41
C ARG B 238 1.16 -5.02 9.27
N LEU B 239 1.51 -4.19 8.29
CA LEU B 239 2.41 -4.57 7.22
C LEU B 239 3.78 -3.99 7.52
N VAL B 240 4.77 -4.85 7.70
CA VAL B 240 6.14 -4.46 8.00
C VAL B 240 7.09 -5.10 6.98
N TRP B 241 8.36 -4.68 7.03
CA TRP B 241 9.30 -4.94 5.95
C TRP B 241 10.61 -5.49 6.51
N GLN B 242 11.13 -6.53 5.86
CA GLN B 242 12.27 -7.28 6.35
C GLN B 242 13.40 -7.26 5.32
N SER B 243 14.54 -7.83 5.70
CA SER B 243 15.64 -8.18 4.79
C SER B 243 16.40 -6.98 4.25
N LYS B 244 16.26 -5.81 4.86
CA LYS B 244 17.12 -4.69 4.52
C LYS B 244 18.59 -5.09 4.68
N VAL B 245 19.42 -4.70 3.72
CA VAL B 245 20.88 -4.80 3.84
C VAL B 245 21.47 -3.45 3.49
N GLY B 246 22.63 -3.15 4.10
CA GLY B 246 23.38 -1.97 3.75
C GLY B 246 23.05 -0.77 4.61
N PRO B 247 23.68 0.36 4.31
CA PRO B 247 23.52 1.55 5.17
C PRO B 247 22.53 2.59 4.66
N MET B 248 21.99 2.41 3.46
CA MET B 248 21.07 3.38 2.88
C MET B 248 19.69 3.27 3.53
N PRO B 249 18.83 4.28 3.35
CA PRO B 249 17.46 4.16 3.86
C PRO B 249 16.65 3.13 3.08
N TRP B 250 15.87 2.33 3.81
CA TRP B 250 14.95 1.36 3.25
C TRP B 250 13.55 1.65 3.79
N LEU B 251 12.54 1.08 3.12
CA LEU B 251 11.17 1.25 3.57
C LEU B 251 10.96 0.50 4.88
N GLY B 252 10.44 1.22 5.88
CA GLY B 252 10.15 0.62 7.16
C GLY B 252 8.67 0.70 7.48
N PRO B 253 8.29 0.27 8.69
CA PRO B 253 9.16 -0.19 9.77
C PRO B 253 9.75 -1.57 9.49
N GLN B 254 10.88 -1.85 10.13
CA GLN B 254 11.51 -3.14 9.98
C GLN B 254 10.74 -4.18 10.79
N THR B 255 10.72 -5.41 10.25
CA THR B 255 10.06 -6.50 10.95
C THR B 255 10.65 -6.74 12.33
N ASP B 256 11.98 -6.71 12.45
CA ASP B 256 12.60 -7.01 13.73
C ASP B 256 12.29 -5.94 14.77
N GLU B 257 12.38 -4.66 14.39
CA GLU B 257 12.01 -3.58 15.30
C GLU B 257 10.53 -3.61 15.63
N SER B 258 9.68 -4.05 14.70
CA SER B 258 8.25 -4.11 15.00
C SER B 258 7.94 -5.23 15.99
N ILE B 259 8.58 -6.40 15.84
CA ILE B 259 8.46 -7.47 16.83
C ILE B 259 8.90 -6.96 18.20
N LYS B 260 10.10 -6.39 18.27
CA LYS B 260 10.61 -5.88 19.53
C LYS B 260 9.67 -4.83 20.11
N GLY B 261 9.14 -3.95 19.24
CA GLY B 261 8.26 -2.89 19.72
C GLY B 261 6.93 -3.40 20.24
N LEU B 262 6.34 -4.38 19.56
CA LEU B 262 5.12 -4.99 20.06
C LEU B 262 5.35 -5.64 21.42
N CYS B 263 6.46 -6.35 21.58
CA CYS B 263 6.72 -7.04 22.83
C CYS B 263 6.83 -6.07 23.98
N GLU B 264 7.58 -4.98 23.79
CA GLU B 264 7.78 -4.00 24.85
C GLU B 264 6.50 -3.26 25.18
N ARG B 265 5.50 -3.29 24.31
CA ARG B 265 4.24 -2.61 24.56
C ARG B 265 3.12 -3.58 24.94
N GLY B 266 3.46 -4.79 25.35
CA GLY B 266 2.49 -5.73 25.86
C GLY B 266 1.83 -6.65 24.86
N ARG B 267 2.24 -6.61 23.59
CA ARG B 267 1.65 -7.48 22.55
C ARG B 267 2.64 -8.62 22.32
N LYS B 268 2.45 -9.72 23.06
CA LYS B 268 3.42 -10.80 23.08
C LYS B 268 2.95 -12.05 22.34
N ASN B 269 1.88 -11.94 21.56
CA ASN B 269 1.35 -13.05 20.78
C ASN B 269 1.26 -12.61 19.33
N ILE B 270 2.15 -13.11 18.49
CA ILE B 270 2.44 -12.54 17.18
C ILE B 270 2.41 -13.64 16.13
N LEU B 271 1.74 -13.38 15.01
CA LEU B 271 1.72 -14.29 13.88
C LEU B 271 2.41 -13.62 12.70
N LEU B 272 3.53 -14.18 12.24
CA LEU B 272 4.26 -13.68 11.08
C LEU B 272 3.65 -14.25 9.81
N VAL B 273 3.52 -13.42 8.78
CA VAL B 273 3.03 -13.92 7.49
C VAL B 273 3.95 -13.47 6.36
N PRO B 274 4.66 -14.37 5.71
CA PRO B 274 5.51 -13.96 4.59
C PRO B 274 4.71 -13.65 3.34
N ILE B 275 4.23 -12.40 3.22
CA ILE B 275 3.15 -12.08 2.29
C ILE B 275 3.64 -11.90 0.86
N ALA B 276 4.94 -11.79 0.64
CA ALA B 276 5.45 -11.50 -0.68
C ALA B 276 6.22 -12.67 -1.27
N PHE B 277 6.17 -13.82 -0.61
CA PHE B 277 6.87 -15.03 -1.03
C PHE B 277 5.85 -16.13 -1.30
N THR B 278 6.19 -17.05 -2.18
CA THR B 278 5.36 -18.22 -2.46
C THR B 278 5.96 -19.54 -1.96
N SER B 279 7.16 -19.53 -1.41
CA SER B 279 7.74 -20.73 -0.83
C SER B 279 8.80 -20.33 0.19
N ASP B 280 9.28 -21.31 0.94
CA ASP B 280 10.32 -21.05 1.91
C ASP B 280 11.64 -20.74 1.21
N HIS B 281 12.46 -19.96 1.88
CA HIS B 281 13.84 -19.73 1.48
C HIS B 281 14.53 -19.07 2.67
N ILE B 282 15.73 -18.54 2.43
CA ILE B 282 16.56 -18.07 3.54
C ILE B 282 15.83 -16.99 4.34
N GLU B 283 15.00 -16.17 3.68
CA GLU B 283 14.35 -15.07 4.37
C GLU B 283 13.25 -15.54 5.32
N THR B 284 12.71 -16.74 5.12
CA THR B 284 11.75 -17.28 6.07
C THR B 284 12.42 -18.25 7.04
N LEU B 285 13.16 -19.23 6.52
CA LEU B 285 13.74 -20.29 7.34
C LEU B 285 14.84 -19.78 8.26
N TYR B 286 15.58 -18.74 7.85
CA TYR B 286 16.64 -18.18 8.69
C TYR B 286 16.23 -16.85 9.32
N GLU B 287 15.87 -15.86 8.50
CA GLU B 287 15.64 -14.53 9.04
C GLU B 287 14.45 -14.51 9.98
N LEU B 288 13.28 -14.98 9.51
CA LEU B 288 12.10 -14.98 10.36
C LEU B 288 12.18 -16.06 11.44
N ASP B 289 12.50 -17.31 11.06
CA ASP B 289 12.36 -18.42 12.00
C ASP B 289 13.49 -18.51 13.01
N ILE B 290 14.70 -18.06 12.66
CA ILE B 290 15.81 -18.17 13.59
C ILE B 290 16.12 -16.81 14.20
N GLU B 291 16.53 -15.85 13.37
CA GLU B 291 16.94 -14.53 13.88
C GLU B 291 15.83 -13.87 14.68
N TYR B 292 14.58 -13.90 14.18
CA TYR B 292 13.50 -13.17 14.83
C TYR B 292 12.72 -14.04 15.81
N SER B 293 12.25 -15.22 15.37
CA SER B 293 11.33 -16.00 16.19
C SER B 293 12.03 -16.74 17.33
N GLN B 294 13.30 -17.08 17.18
CA GLN B 294 14.01 -17.77 18.24
C GLN B 294 14.91 -16.84 19.05
N VAL B 295 15.75 -16.05 18.39
CA VAL B 295 16.70 -15.24 19.14
C VAL B 295 16.00 -13.99 19.65
N LEU B 296 15.59 -13.11 18.71
CA LEU B 296 15.00 -11.82 19.10
C LEU B 296 13.78 -12.02 20.00
N ALA B 297 12.91 -12.95 19.64
CA ALA B 297 11.67 -13.14 20.39
C ALA B 297 11.96 -13.58 21.82
N LYS B 298 12.96 -14.42 22.02
CA LYS B 298 13.31 -14.85 23.37
C LYS B 298 13.90 -13.69 24.18
N GLU B 299 14.77 -12.89 23.55
CA GLU B 299 15.33 -11.73 24.23
C GLU B 299 14.25 -10.75 24.69
N CYS B 300 13.17 -10.62 23.93
CA CYS B 300 12.12 -9.66 24.24
C CYS B 300 11.02 -10.22 25.13
N GLY B 301 11.07 -11.50 25.46
CA GLY B 301 10.04 -12.08 26.30
C GLY B 301 8.72 -12.34 25.61
N VAL B 302 8.76 -12.78 24.34
CA VAL B 302 7.55 -13.19 23.65
C VAL B 302 6.88 -14.34 24.39
N GLU B 303 5.54 -14.33 24.40
CA GLU B 303 4.81 -15.49 24.90
C GLU B 303 4.67 -16.55 23.81
N ASN B 304 4.09 -16.17 22.67
CA ASN B 304 3.99 -17.06 21.52
C ASN B 304 4.27 -16.27 20.25
N ILE B 305 5.22 -16.73 19.43
CA ILE B 305 5.40 -16.21 18.09
C ILE B 305 5.42 -17.39 17.12
N ARG B 306 4.59 -17.30 16.08
CA ARG B 306 4.49 -18.35 15.08
C ARG B 306 4.53 -17.68 13.72
N ARG B 307 4.72 -18.51 12.69
CA ARG B 307 4.72 -18.02 11.32
C ARG B 307 3.83 -18.92 10.49
N ALA B 308 2.94 -18.30 9.72
CA ALA B 308 2.12 -19.05 8.76
C ALA B 308 3.01 -19.83 7.80
N GLU B 309 2.61 -21.06 7.50
CA GLU B 309 3.39 -21.91 6.61
C GLU B 309 3.47 -21.27 5.23
N SER B 310 4.65 -21.34 4.60
CA SER B 310 4.77 -20.86 3.24
C SER B 310 3.87 -21.68 2.32
N LEU B 311 3.56 -21.12 1.16
CA LEU B 311 2.54 -21.75 0.32
C LEU B 311 3.02 -23.10 -0.21
N ASN B 312 4.29 -23.16 -0.60
CA ASN B 312 4.99 -24.42 -0.85
C ASN B 312 4.16 -25.41 -1.67
N GLY B 313 3.81 -26.55 -1.09
CA GLY B 313 3.13 -27.60 -1.81
C GLY B 313 1.62 -27.60 -1.74
N ASN B 314 1.00 -26.55 -1.21
CA ASN B 314 -0.45 -26.48 -1.13
C ASN B 314 -1.04 -26.67 -2.53
N PRO B 315 -1.91 -27.67 -2.73
CA PRO B 315 -2.48 -27.90 -4.08
C PRO B 315 -3.31 -26.74 -4.58
N LEU B 316 -3.87 -25.93 -3.69
CA LEU B 316 -4.62 -24.77 -4.12
C LEU B 316 -3.70 -23.73 -4.76
N PHE B 317 -2.43 -23.68 -4.35
CA PHE B 317 -1.51 -22.75 -4.99
C PHE B 317 -1.22 -23.18 -6.42
N SER B 318 -1.05 -24.49 -6.64
CA SER B 318 -0.89 -24.99 -8.01
C SER B 318 -2.12 -24.69 -8.84
N LYS B 319 -3.31 -24.83 -8.23
CA LYS B 319 -4.54 -24.44 -8.92
C LYS B 319 -4.52 -22.96 -9.26
N ALA B 320 -3.98 -22.13 -8.36
CA ALA B 320 -3.89 -20.69 -8.64
C ALA B 320 -3.00 -20.42 -9.84
N LEU B 321 -1.86 -21.09 -9.92
CA LEU B 321 -0.95 -20.90 -11.04
C LEU B 321 -1.63 -21.30 -12.35
N ALA B 322 -2.29 -22.47 -12.35
CA ALA B 322 -2.91 -22.93 -13.58
C ALA B 322 -4.07 -22.03 -13.99
N ASP B 323 -4.85 -21.56 -13.02
CA ASP B 323 -5.94 -20.64 -13.32
C ASP B 323 -5.41 -19.34 -13.92
N LEU B 324 -4.30 -18.82 -13.38
CA LEU B 324 -3.68 -17.62 -13.94
C LEU B 324 -3.25 -17.84 -15.38
N VAL B 325 -2.60 -18.96 -15.67
CA VAL B 325 -2.15 -19.22 -17.03
C VAL B 325 -3.35 -19.41 -17.95
N HIS B 326 -4.37 -20.14 -17.47
CA HIS B 326 -5.56 -20.39 -18.27
C HIS B 326 -6.24 -19.07 -18.66
N SER B 327 -6.46 -18.18 -17.68
CA SER B 327 -7.09 -16.89 -17.97
C SER B 327 -6.22 -16.06 -18.90
N HIS B 328 -4.92 -16.06 -18.66
CA HIS B 328 -3.98 -15.35 -19.52
C HIS B 328 -4.10 -15.82 -20.96
N ILE B 329 -4.19 -17.14 -21.16
CA ILE B 329 -4.26 -17.67 -22.51
C ILE B 329 -5.58 -17.30 -23.17
N GLN B 330 -6.69 -17.43 -22.43
CA GLN B 330 -7.99 -17.19 -23.05
C GLN B 330 -8.21 -15.72 -23.35
N SER B 331 -7.69 -14.83 -22.52
CA SER B 331 -7.84 -13.40 -22.74
C SER B 331 -6.92 -12.86 -23.83
N ASN B 332 -6.02 -13.68 -24.38
CA ASN B 332 -5.00 -13.23 -25.34
C ASN B 332 -4.19 -12.04 -24.82
N GLU B 333 -3.96 -11.97 -23.52
CA GLU B 333 -3.20 -10.86 -22.97
C GLU B 333 -1.72 -11.06 -23.26
N LEU B 334 -1.02 -9.96 -23.54
CA LEU B 334 0.43 -10.01 -23.64
C LEU B 334 1.14 -9.61 -22.35
N CYS B 335 0.49 -8.82 -21.50
CA CYS B 335 1.03 -8.31 -20.24
C CYS B 335 -0.11 -7.58 -19.55
N SER B 336 0.09 -7.24 -18.28
CA SER B 336 -0.90 -6.44 -17.57
C SER B 336 -0.90 -5.01 -18.10
N LYS B 337 -2.02 -4.33 -17.89
CA LYS B 337 -2.06 -2.91 -18.26
C LYS B 337 -0.96 -2.14 -17.52
N GLN B 338 -0.63 -2.55 -16.29
CA GLN B 338 0.36 -1.83 -15.51
C GLN B 338 1.74 -1.88 -16.14
N LEU B 339 2.06 -2.97 -16.85
CA LEU B 339 3.40 -3.04 -17.43
C LEU B 339 3.60 -2.00 -18.52
N THR B 340 2.52 -1.57 -19.19
CA THR B 340 2.63 -0.57 -20.26
C THR B 340 3.04 0.80 -19.74
N LEU B 341 3.13 0.98 -18.44
CA LEU B 341 3.59 2.23 -17.87
C LEU B 341 4.87 1.97 -17.11
N SER B 342 5.98 2.52 -17.60
CA SER B 342 7.26 2.45 -16.90
C SER B 342 7.29 3.47 -15.77
N CYS B 343 8.21 3.26 -14.82
CA CYS B 343 8.26 4.10 -13.64
C CYS B 343 8.48 5.56 -14.04
N PRO B 344 7.78 6.50 -13.39
CA PRO B 344 7.87 7.91 -13.82
C PRO B 344 9.27 8.48 -13.70
N LEU B 345 10.06 8.01 -12.73
CA LEU B 345 11.43 8.48 -12.52
C LEU B 345 12.45 7.42 -12.91
N CYS B 346 12.04 6.48 -13.75
CA CYS B 346 12.94 5.43 -14.22
C CYS B 346 14.07 6.05 -15.04
N VAL B 347 15.30 5.62 -14.74
CA VAL B 347 16.49 6.08 -15.44
C VAL B 347 17.11 4.99 -16.31
N ASN B 348 16.57 3.77 -16.28
CA ASN B 348 17.13 2.65 -17.02
C ASN B 348 16.48 2.55 -18.39
N PRO B 349 17.23 2.65 -19.49
CA PRO B 349 16.60 2.60 -20.82
C PRO B 349 16.08 1.21 -21.17
N VAL B 350 16.50 0.16 -20.47
CA VAL B 350 16.08 -1.18 -20.84
C VAL B 350 14.60 -1.40 -20.52
N CYS B 351 14.09 -0.74 -19.49
CA CYS B 351 12.72 -1.01 -19.03
C CYS B 351 11.71 -0.74 -20.14
N ARG B 352 11.90 0.36 -20.88
CA ARG B 352 11.02 0.65 -21.99
C ARG B 352 11.21 -0.36 -23.12
N GLU B 353 12.45 -0.81 -23.34
CA GLU B 353 12.68 -1.79 -24.40
C GLU B 353 12.05 -3.13 -24.05
N THR B 354 12.19 -3.55 -22.78
CA THR B 354 11.55 -4.78 -22.33
C THR B 354 10.03 -4.70 -22.43
N LYS B 355 9.46 -3.58 -21.98
CA LYS B 355 8.02 -3.38 -22.12
C LYS B 355 7.59 -3.55 -23.58
N SER B 356 8.29 -2.87 -24.49
CA SER B 356 7.91 -2.94 -25.89
CA SER B 356 7.93 -2.93 -25.90
C SER B 356 8.07 -4.34 -26.47
N PHE B 357 9.07 -5.09 -25.98
CA PHE B 357 9.25 -6.48 -26.41
C PHE B 357 7.97 -7.29 -26.19
N PHE B 358 7.34 -7.14 -25.01
CA PHE B 358 6.13 -7.91 -24.74
C PHE B 358 4.89 -7.30 -25.39
N THR B 359 4.74 -5.97 -25.40
CA THR B 359 3.52 -5.42 -25.98
C THR B 359 3.46 -5.58 -27.50
N SER B 360 4.61 -5.74 -28.17
CA SER B 360 4.65 -5.84 -29.63
CA SER B 360 4.65 -5.84 -29.63
C SER B 360 4.64 -7.28 -30.14
N GLN B 361 4.55 -8.26 -29.25
CA GLN B 361 4.65 -9.66 -29.67
C GLN B 361 3.53 -10.01 -30.65
N GLN B 362 3.89 -10.77 -31.68
CA GLN B 362 2.88 -11.35 -32.54
C GLN B 362 2.03 -12.32 -31.73
N LEU B 363 0.72 -12.27 -31.95
CA LEU B 363 -0.21 -13.20 -31.31
C LEU B 363 -0.31 -14.53 -32.08
#